data_4N64
#
_entry.id   4N64
#
_cell.length_a   153.861
_cell.length_b   153.861
_cell.length_c   153.861
_cell.angle_alpha   90.00
_cell.angle_beta   90.00
_cell.angle_gamma   90.00
#
_symmetry.space_group_name_H-M   'P 21 3'
#
loop_
_entity.id
_entity.type
_entity.pdbx_description
1 polymer 'Hemagglutinin HA1'
2 polymer 'Hemagglutinin HA2'
3 branched 2-acetamido-2-deoxy-beta-D-glucopyranose-(1-4)-2-acetamido-2-deoxy-beta-D-glucopyranose
4 branched 'N-acetyl-alpha-neuraminic acid-(2-3)-beta-D-galactopyranose-(1-4)-2-acetamido-2-deoxy-beta-D-glucopyranose-(1-3)-2-acetamido-2-deoxy-beta-D-galactopyranose'
5 branched 'N-acetyl-alpha-neuraminic acid-(2-3)-beta-D-galactopyranose'
6 non-polymer 2-acetamido-2-deoxy-beta-D-glucopyranose
7 water water
#
loop_
_entity_poly.entity_id
_entity_poly.type
_entity_poly.pdbx_seq_one_letter_code
_entity_poly.pdbx_strand_id
1 'polypeptide(L)'
;DKICLGHHAVSNGTKVNTLTERGVEVVNATETVERTNIPRICSKGKRTVDLGQCGLLGTITGPPQCDQFLEFSADLIIER
REGSDVCYPGKFVNEEALRQILRESGGIDKEAMGFTYSGIRTNGATSACRRSGSSFYAEMKWLLSNTDNAAFPQMTKSYK
NTRKSPALIVWGIHHSVSTAEQTKLYGSGNKLVTVGSSNYQQSFVPSPGARPQVNGLSGRIDFHWLMLNPNDTVTFSFNG
AFIAPDRASFLRGKSMGIQSGVQVDANCEGDCYHSGGTIISNLPFQNIDSRAVGKCPRYVKQRSLLLATGMKNVPEIPKG
R
;
A,C
2 'polypeptide(L)'
;GLFGAIAGFIENGWEGLIDGWYGFRHQNAQGEGTAADYKSTQSAIDQITGKLNRLIEKTNQQFELIDNEFNEVEKQIGNV
INWTRDSITEVWSYNAELLVAMENQHTIDLADSEMDKLYERVKRQLRENAEEDGTGCFEIFHKCDDDCMASIRNNTYDHS
KYREEAMQNRIQIDPVSGRLVPR
;
B,D
#
loop_
_chem_comp.id
_chem_comp.type
_chem_comp.name
_chem_comp.formula
GAL D-saccharide, beta linking beta-D-galactopyranose 'C6 H12 O6'
NAG D-saccharide, beta linking 2-acetamido-2-deoxy-beta-D-glucopyranose 'C8 H15 N O6'
NGA D-saccharide, beta linking 2-acetamido-2-deoxy-beta-D-galactopyranose 'C8 H15 N O6'
SIA D-saccharide, alpha linking 'N-acetyl-alpha-neuraminic acid' 'C11 H19 N O9'
#
# COMPACT_ATOMS: atom_id res chain seq x y z
N ASP A 1 12.27 33.70 -42.34
CA ASP A 1 11.05 32.99 -41.96
C ASP A 1 11.34 31.52 -41.73
N LYS A 2 10.69 30.95 -40.71
CA LYS A 2 11.05 29.62 -40.24
C LYS A 2 9.85 28.88 -39.67
N ILE A 3 9.74 27.58 -39.94
CA ILE A 3 8.74 26.75 -39.29
C ILE A 3 9.39 25.48 -38.76
N CYS A 4 9.08 25.14 -37.50
CA CYS A 4 9.69 23.98 -36.86
C CYS A 4 8.64 22.97 -36.45
N LEU A 5 9.00 21.69 -36.57
CA LEU A 5 8.14 20.61 -36.13
C LEU A 5 8.62 20.11 -34.79
N GLY A 6 7.71 19.89 -33.85
CA GLY A 6 8.12 19.44 -32.54
C GLY A 6 7.10 18.58 -31.83
N HIS A 7 7.47 18.17 -30.62
CA HIS A 7 6.61 17.34 -29.78
C HIS A 7 6.63 17.87 -28.36
N HIS A 8 5.59 17.57 -27.59
CA HIS A 8 5.49 18.09 -26.24
C HIS A 8 6.46 17.39 -25.31
N ALA A 9 6.66 17.97 -24.13
CA ALA A 9 7.57 17.41 -23.14
C ALA A 9 7.23 17.97 -21.77
N VAL A 10 7.75 17.33 -20.73
CA VAL A 10 7.48 17.79 -19.37
C VAL A 10 8.74 17.73 -18.52
N SER A 11 8.66 18.36 -17.35
CA SER A 11 9.72 18.23 -16.36
C SER A 11 9.23 17.19 -15.37
N ASN A 12 7.95 16.87 -15.49
CA ASN A 12 7.27 15.91 -14.63
C ASN A 12 7.27 14.51 -15.23
N GLY A 13 8.44 14.07 -15.69
CA GLY A 13 8.57 12.80 -16.38
C GLY A 13 8.67 11.59 -15.48
N THR A 14 8.09 10.46 -15.94
CA THR A 14 8.12 9.22 -15.18
C THR A 14 8.90 8.13 -15.91
N LYS A 15 9.69 7.36 -15.16
CA LYS A 15 10.57 6.35 -15.74
C LYS A 15 9.84 5.02 -15.98
N VAL A 16 10.17 4.38 -17.10
CA VAL A 16 9.65 3.05 -17.43
C VAL A 16 10.78 2.18 -17.96
N ASN A 17 10.48 0.92 -18.25
CA ASN A 17 11.49 0.02 -18.78
C ASN A 17 11.12 -0.46 -20.18
N THR A 18 12.15 -0.76 -20.97
CA THR A 18 11.96 -1.27 -22.33
C THR A 18 12.82 -2.52 -22.50
N LEU A 19 12.93 -3.00 -23.74
CA LEU A 19 13.84 -4.11 -24.02
C LEU A 19 15.29 -3.70 -23.80
N THR A 20 15.59 -2.44 -24.10
CA THR A 20 16.96 -1.94 -24.07
C THR A 20 17.28 -1.12 -22.82
N GLU A 21 16.52 -0.06 -22.59
CA GLU A 21 16.83 0.84 -21.48
C GLU A 21 16.12 0.44 -20.19
N ARG A 22 16.70 0.85 -19.07
CA ARG A 22 16.05 0.70 -17.76
C ARG A 22 15.96 2.05 -17.07
N GLY A 23 14.76 2.61 -17.05
CA GLY A 23 14.52 3.88 -16.40
C GLY A 23 14.46 5.03 -17.38
N VAL A 24 14.08 4.71 -18.63
CA VAL A 24 13.90 5.74 -19.65
C VAL A 24 12.63 6.54 -19.34
N GLU A 25 12.77 7.86 -19.35
CA GLU A 25 11.64 8.73 -19.03
C GLU A 25 10.67 8.86 -20.19
N VAL A 26 9.38 8.75 -19.87
CA VAL A 26 8.34 9.02 -20.85
C VAL A 26 7.46 10.14 -20.30
N VAL A 27 6.57 10.67 -21.13
CA VAL A 27 5.74 11.79 -20.73
C VAL A 27 4.71 11.35 -19.71
N ASN A 28 4.11 10.18 -19.94
CA ASN A 28 3.04 9.69 -19.10
C ASN A 28 3.02 8.17 -19.03
N ALA A 29 2.67 7.64 -17.85
CA ALA A 29 2.61 6.20 -17.66
C ALA A 29 1.50 5.83 -16.68
N THR A 30 1.08 4.57 -16.72
CA THR A 30 0.07 4.07 -15.79
C THR A 30 0.50 2.71 -15.26
N GLU A 31 -0.07 2.32 -14.13
CA GLU A 31 0.28 1.06 -13.49
C GLU A 31 -0.51 -0.11 -14.06
N THR A 32 0.15 -1.25 -14.18
CA THR A 32 -0.50 -2.47 -14.67
C THR A 32 -0.68 -3.49 -13.54
N VAL A 33 0.02 -3.28 -12.44
CA VAL A 33 -0.01 -4.21 -11.32
C VAL A 33 -0.84 -3.64 -10.18
N GLU A 34 -1.99 -4.27 -9.92
CA GLU A 34 -2.88 -3.80 -8.88
C GLU A 34 -2.33 -4.12 -7.49
N ARG A 35 -2.32 -3.12 -6.62
CA ARG A 35 -1.89 -3.31 -5.24
C ARG A 35 -2.93 -2.73 -4.27
N THR A 36 -3.98 -2.14 -4.81
CA THR A 36 -5.01 -1.52 -3.98
C THR A 36 -6.06 -2.54 -3.56
N ASN A 37 -6.02 -2.91 -2.29
CA ASN A 37 -6.94 -3.91 -1.75
C ASN A 37 -8.11 -3.28 -1.01
N ILE A 38 -9.30 -3.86 -1.19
CA ILE A 38 -10.47 -3.48 -0.42
C ILE A 38 -10.67 -4.48 0.70
N PRO A 39 -10.37 -4.08 1.95
CA PRO A 39 -10.38 -4.98 3.11
C PRO A 39 -11.79 -5.41 3.53
N ARG A 40 -12.64 -5.73 2.56
CA ARG A 40 -13.97 -6.23 2.83
C ARG A 40 -14.33 -7.32 1.81
N ILE A 41 -15.39 -8.06 2.08
CA ILE A 41 -15.91 -9.00 1.11
C ILE A 41 -17.10 -8.35 0.43
N CYS A 42 -16.86 -7.81 -0.76
CA CYS A 42 -17.88 -7.11 -1.53
C CYS A 42 -18.87 -8.12 -2.08
N SER A 43 -20.08 -8.12 -1.50
CA SER A 43 -21.03 -9.19 -1.75
C SER A 43 -22.30 -8.74 -2.44
N LYS A 44 -22.36 -7.47 -2.86
CA LYS A 44 -23.55 -6.95 -3.54
C LYS A 44 -23.88 -7.78 -4.75
N GLY A 45 -25.13 -8.22 -4.84
CA GLY A 45 -25.57 -9.02 -5.97
C GLY A 45 -25.41 -10.51 -5.71
N LYS A 46 -24.62 -10.85 -4.70
CA LYS A 46 -24.37 -12.24 -4.36
C LYS A 46 -25.00 -12.64 -3.03
N ARG A 47 -25.79 -13.72 -3.06
CA ARG A 47 -26.38 -14.29 -1.84
C ARG A 47 -25.26 -14.89 -1.00
N THR A 48 -24.99 -14.28 0.15
CA THR A 48 -23.79 -14.59 0.92
C THR A 48 -24.10 -15.16 2.29
N VAL A 49 -23.36 -16.19 2.68
CA VAL A 49 -23.49 -16.76 4.02
C VAL A 49 -22.15 -16.71 4.76
N ASP A 50 -22.19 -16.23 6.00
CA ASP A 50 -21.01 -16.16 6.84
C ASP A 50 -21.11 -17.23 7.93
N LEU A 51 -20.48 -18.37 7.66
CA LEU A 51 -20.60 -19.55 8.53
C LEU A 51 -20.13 -19.26 9.95
N GLY A 52 -19.20 -18.33 10.09
CA GLY A 52 -18.71 -17.92 11.40
C GLY A 52 -18.07 -19.08 12.16
N GLN A 53 -18.76 -19.53 13.19
CA GLN A 53 -18.26 -20.62 14.04
C GLN A 53 -18.59 -21.99 13.45
N CYS A 54 -19.51 -22.01 12.49
CA CYS A 54 -19.87 -23.25 11.82
C CYS A 54 -18.84 -23.63 10.75
N GLY A 55 -18.29 -24.83 10.86
CA GLY A 55 -17.42 -25.35 9.81
C GLY A 55 -18.28 -25.76 8.62
N LEU A 56 -17.72 -25.66 7.42
CA LEU A 56 -18.47 -25.97 6.20
C LEU A 56 -18.95 -27.41 6.19
N LEU A 57 -18.12 -28.33 6.67
CA LEU A 57 -18.48 -29.74 6.72
C LEU A 57 -19.52 -29.96 7.81
N GLY A 58 -19.56 -29.05 8.77
CA GLY A 58 -20.51 -29.12 9.86
C GLY A 58 -21.94 -28.91 9.42
N THR A 59 -22.11 -28.28 8.26
CA THR A 59 -23.44 -28.03 7.71
C THR A 59 -24.15 -29.32 7.33
N ILE A 60 -23.38 -30.39 7.14
CA ILE A 60 -23.91 -31.69 6.73
C ILE A 60 -24.27 -32.56 7.93
N THR A 61 -23.40 -32.57 8.93
CA THR A 61 -23.59 -33.39 10.12
C THR A 61 -24.47 -32.66 11.13
N GLY A 62 -24.21 -31.38 11.32
CA GLY A 62 -25.04 -30.54 12.15
C GLY A 62 -24.68 -30.43 13.62
N PRO A 63 -23.48 -29.91 13.92
CA PRO A 63 -23.25 -29.52 15.32
C PRO A 63 -24.10 -28.30 15.66
N PRO A 64 -24.22 -27.94 16.94
CA PRO A 64 -25.01 -26.77 17.31
C PRO A 64 -24.61 -25.51 16.55
N GLN A 65 -23.33 -25.37 16.24
CA GLN A 65 -22.81 -24.19 15.54
C GLN A 65 -23.45 -23.99 14.16
N CYS A 66 -23.93 -25.07 13.55
CA CYS A 66 -24.38 -25.03 12.15
C CYS A 66 -25.87 -25.22 11.99
N ASP A 67 -26.61 -25.04 13.09
CA ASP A 67 -28.06 -25.27 13.09
C ASP A 67 -28.80 -24.36 12.11
N GLN A 68 -28.24 -23.18 11.85
CA GLN A 68 -28.86 -22.22 10.94
C GLN A 68 -28.58 -22.58 9.48
N PHE A 69 -27.58 -23.43 9.24
CA PHE A 69 -27.10 -23.68 7.89
C PHE A 69 -27.35 -25.10 7.41
N LEU A 70 -28.23 -25.83 8.09
CA LEU A 70 -28.47 -27.24 7.77
C LEU A 70 -29.04 -27.40 6.36
N GLU A 71 -29.72 -26.36 5.87
CA GLU A 71 -30.23 -26.35 4.51
C GLU A 71 -29.98 -24.99 3.86
N PHE A 72 -28.79 -24.43 4.07
CA PHE A 72 -28.49 -23.08 3.62
C PHE A 72 -28.44 -22.99 2.11
N SER A 73 -28.61 -21.77 1.59
CA SER A 73 -28.56 -21.50 0.16
C SER A 73 -27.70 -20.26 -0.04
N ALA A 74 -26.79 -20.29 -1.01
CA ALA A 74 -25.88 -19.16 -1.20
C ALA A 74 -25.24 -19.13 -2.58
N ASP A 75 -24.76 -17.94 -2.95
CA ASP A 75 -23.95 -17.75 -4.16
C ASP A 75 -22.51 -17.63 -3.73
N LEU A 76 -22.30 -17.03 -2.56
CA LEU A 76 -20.96 -16.85 -2.01
C LEU A 76 -20.88 -17.42 -0.60
N ILE A 77 -19.95 -18.34 -0.40
CA ILE A 77 -19.80 -19.02 0.89
C ILE A 77 -18.49 -18.56 1.55
N ILE A 78 -18.58 -18.20 2.83
CA ILE A 78 -17.42 -17.69 3.54
C ILE A 78 -17.08 -18.54 4.76
N GLU A 79 -15.90 -19.16 4.74
CA GLU A 79 -15.41 -19.90 5.89
C GLU A 79 -14.64 -18.96 6.81
N ARG A 80 -14.76 -19.19 8.11
CA ARG A 80 -14.02 -18.39 9.10
C ARG A 80 -13.07 -19.29 9.89
N ARG A 81 -11.96 -18.72 10.34
CA ARG A 81 -10.95 -19.49 11.05
C ARG A 81 -11.50 -20.07 12.35
N GLU A 82 -12.47 -19.37 12.95
CA GLU A 82 -13.07 -19.82 14.19
C GLU A 82 -14.03 -20.98 13.96
N GLY A 83 -14.35 -21.22 12.69
CA GLY A 83 -15.25 -22.30 12.32
C GLY A 83 -14.77 -23.67 12.75
N SER A 84 -15.72 -24.54 13.08
CA SER A 84 -15.41 -25.92 13.45
C SER A 84 -16.47 -26.86 12.90
N ASP A 85 -16.03 -27.98 12.33
CA ASP A 85 -16.93 -28.96 11.74
C ASP A 85 -17.49 -29.90 12.79
N VAL A 86 -17.06 -29.72 14.04
CA VAL A 86 -17.18 -30.77 15.04
C VAL A 86 -17.63 -30.25 16.41
N CYS A 87 -18.48 -31.02 17.07
CA CYS A 87 -18.76 -30.84 18.50
C CYS A 87 -18.06 -31.95 19.26
N TYR A 88 -18.49 -33.18 19.05
CA TYR A 88 -17.75 -34.34 19.55
C TYR A 88 -16.48 -34.47 18.71
N PRO A 89 -15.31 -34.48 19.37
CA PRO A 89 -14.00 -34.47 18.71
C PRO A 89 -13.87 -35.52 17.62
N GLY A 90 -13.34 -35.11 16.48
CA GLY A 90 -13.17 -35.99 15.34
C GLY A 90 -12.85 -35.23 14.07
N LYS A 91 -12.81 -35.95 12.95
CA LYS A 91 -12.46 -35.33 11.68
C LYS A 91 -13.01 -36.13 10.50
N PHE A 92 -13.17 -35.46 9.37
CA PHE A 92 -13.63 -36.13 8.16
C PHE A 92 -12.47 -36.81 7.45
N VAL A 93 -12.77 -37.94 6.81
CA VAL A 93 -11.83 -38.58 5.90
C VAL A 93 -12.00 -37.93 4.55
N ASN A 94 -10.90 -37.54 3.92
CA ASN A 94 -10.92 -36.78 2.68
C ASN A 94 -11.73 -35.51 2.84
N GLU A 95 -11.38 -34.73 3.84
CA GLU A 95 -12.12 -33.52 4.21
C GLU A 95 -12.05 -32.44 3.14
N GLU A 96 -10.87 -32.21 2.60
CA GLU A 96 -10.67 -31.10 1.67
C GLU A 96 -11.42 -31.30 0.36
N ALA A 97 -11.47 -32.53 -0.13
CA ALA A 97 -12.23 -32.85 -1.33
C ALA A 97 -13.71 -32.49 -1.11
N LEU A 98 -14.21 -32.82 0.08
CA LEU A 98 -15.59 -32.56 0.44
C LEU A 98 -15.86 -31.05 0.55
N ARG A 99 -14.89 -30.31 1.08
CA ARG A 99 -15.01 -28.86 1.20
C ARG A 99 -15.14 -28.22 -0.18
N GLN A 100 -14.28 -28.65 -1.09
CA GLN A 100 -14.24 -28.12 -2.45
C GLN A 100 -15.58 -28.36 -3.14
N ILE A 101 -16.22 -29.48 -2.82
CA ILE A 101 -17.53 -29.82 -3.38
C ILE A 101 -18.61 -28.89 -2.83
N LEU A 102 -18.58 -28.64 -1.53
CA LEU A 102 -19.60 -27.83 -0.88
C LEU A 102 -19.44 -26.33 -1.19
N ARG A 103 -18.20 -25.90 -1.46
CA ARG A 103 -17.94 -24.50 -1.75
C ARG A 103 -18.64 -24.03 -3.02
N GLU A 104 -18.89 -24.95 -3.94
CA GLU A 104 -19.52 -24.62 -5.21
C GLU A 104 -20.87 -25.31 -5.35
N SER A 105 -21.46 -25.70 -4.22
CA SER A 105 -22.72 -26.43 -4.23
C SER A 105 -23.92 -25.53 -4.42
N GLY A 106 -23.80 -24.28 -3.98
CA GLY A 106 -24.92 -23.36 -3.99
C GLY A 106 -25.78 -23.58 -2.76
N GLY A 107 -25.22 -24.31 -1.80
CA GLY A 107 -25.95 -24.68 -0.60
C GLY A 107 -26.41 -26.12 -0.66
N ILE A 108 -27.13 -26.55 0.37
CA ILE A 108 -27.56 -27.94 0.47
C ILE A 108 -29.05 -28.09 0.75
N ASP A 109 -29.66 -29.11 0.15
CA ASP A 109 -31.03 -29.47 0.46
C ASP A 109 -31.03 -30.81 1.16
N LYS A 110 -31.60 -30.86 2.35
CA LYS A 110 -31.61 -32.09 3.14
C LYS A 110 -32.89 -32.88 2.93
N GLU A 111 -32.76 -34.20 2.93
CA GLU A 111 -33.90 -35.10 2.77
C GLU A 111 -33.73 -36.33 3.64
N ALA A 112 -34.78 -36.69 4.36
CA ALA A 112 -34.75 -37.85 5.25
C ALA A 112 -34.40 -39.13 4.50
N MET A 113 -33.68 -40.02 5.17
CA MET A 113 -33.27 -41.28 4.57
C MET A 113 -34.19 -42.41 5.03
N GLY A 114 -34.93 -42.15 6.10
CA GLY A 114 -35.98 -43.05 6.54
C GLY A 114 -35.49 -44.34 7.18
N PHE A 115 -34.55 -44.22 8.11
CA PHE A 115 -34.07 -45.39 8.83
C PHE A 115 -34.88 -45.58 10.12
N THR A 116 -35.33 -46.81 10.34
CA THR A 116 -36.04 -47.15 11.57
C THR A 116 -35.31 -48.27 12.31
N TYR A 117 -35.34 -48.21 13.63
CA TYR A 117 -34.54 -49.11 14.45
C TYR A 117 -35.38 -49.78 15.54
N SER A 118 -35.01 -51.00 15.92
CA SER A 118 -35.68 -51.73 16.98
C SER A 118 -34.69 -52.51 17.84
N GLY A 119 -34.85 -52.44 19.15
CA GLY A 119 -33.98 -53.17 20.07
C GLY A 119 -32.65 -52.46 20.22
N ILE A 120 -32.70 -51.15 20.38
CA ILE A 120 -31.53 -50.30 20.25
C ILE A 120 -31.85 -48.88 20.70
N ARG A 121 -30.88 -48.22 21.34
CA ARG A 121 -31.04 -46.80 21.66
C ARG A 121 -30.50 -45.96 20.51
N THR A 122 -31.13 -44.82 20.27
CA THR A 122 -30.70 -43.90 19.22
C THR A 122 -30.46 -42.51 19.82
N ASN A 123 -30.64 -42.41 21.13
CA ASN A 123 -30.61 -41.11 21.80
C ASN A 123 -29.22 -40.79 22.33
N GLY A 124 -28.20 -41.33 21.68
CA GLY A 124 -26.83 -41.07 22.07
C GLY A 124 -26.52 -39.59 22.04
N ALA A 125 -26.05 -39.07 23.17
CA ALA A 125 -25.77 -37.65 23.30
C ALA A 125 -24.47 -37.44 24.06
N THR A 126 -23.93 -36.23 24.01
CA THR A 126 -22.69 -35.92 24.70
C THR A 126 -22.69 -34.50 25.24
N SER A 127 -21.78 -34.24 26.18
CA SER A 127 -21.64 -32.92 26.79
C SER A 127 -21.00 -31.93 25.83
N ALA A 128 -20.31 -32.46 24.82
CA ALA A 128 -19.59 -31.63 23.86
C ALA A 128 -20.54 -31.03 22.84
N CYS A 129 -21.70 -31.65 22.66
CA CYS A 129 -22.70 -31.14 21.74
C CYS A 129 -23.86 -30.56 22.53
N ARG A 130 -23.56 -29.59 23.39
CA ARG A 130 -24.61 -29.04 24.24
C ARG A 130 -25.57 -28.19 23.41
N ARG A 131 -26.84 -28.54 23.46
CA ARG A 131 -27.92 -27.79 22.84
C ARG A 131 -29.02 -27.79 23.87
N SER A 132 -29.15 -26.67 24.59
CA SER A 132 -29.88 -26.61 25.85
C SER A 132 -29.22 -27.57 26.84
N GLY A 133 -29.48 -28.87 26.67
CA GLY A 133 -28.80 -29.88 27.46
C GLY A 133 -27.79 -30.65 26.63
N SER A 134 -27.38 -31.82 27.09
CA SER A 134 -26.49 -32.66 26.30
C SER A 134 -27.23 -33.13 25.05
N SER A 135 -26.54 -33.17 23.92
CA SER A 135 -27.16 -33.58 22.67
C SER A 135 -26.13 -34.20 21.72
N PHE A 136 -26.44 -34.16 20.43
CA PHE A 136 -25.60 -34.81 19.42
C PHE A 136 -25.73 -34.07 18.09
N TYR A 137 -25.01 -34.55 17.07
CA TYR A 137 -25.12 -34.02 15.73
C TYR A 137 -26.57 -34.07 15.22
N ALA A 138 -27.05 -32.95 14.70
CA ALA A 138 -28.46 -32.80 14.35
C ALA A 138 -28.92 -33.72 13.23
N GLU A 139 -28.02 -34.10 12.33
CA GLU A 139 -28.38 -34.91 11.19
C GLU A 139 -28.01 -36.37 11.39
N MET A 140 -27.45 -36.66 12.56
CA MET A 140 -26.91 -37.99 12.81
C MET A 140 -27.58 -38.67 13.99
N LYS A 141 -27.43 -39.99 14.06
CA LYS A 141 -27.96 -40.76 15.17
C LYS A 141 -26.86 -41.58 15.82
N TRP A 142 -26.67 -41.37 17.12
CA TRP A 142 -25.70 -42.16 17.89
C TRP A 142 -26.40 -43.40 18.43
N LEU A 143 -26.08 -44.55 17.82
CA LEU A 143 -26.73 -45.80 18.16
C LEU A 143 -26.00 -46.56 19.27
N LEU A 144 -26.75 -46.99 20.28
CA LEU A 144 -26.18 -47.76 21.37
C LEU A 144 -26.83 -49.14 21.42
N SER A 145 -26.53 -49.90 22.47
CA SER A 145 -27.05 -51.26 22.56
C SER A 145 -28.51 -51.23 23.03
N ASN A 146 -28.72 -50.87 24.30
CA ASN A 146 -30.06 -50.71 24.88
C ASN A 146 -30.03 -50.39 26.38
N THR A 147 -29.19 -51.11 27.11
CA THR A 147 -29.12 -50.98 28.56
C THR A 147 -27.71 -50.60 29.01
N ASP A 148 -26.77 -51.53 28.80
CA ASP A 148 -25.36 -51.40 29.16
C ASP A 148 -24.69 -52.76 28.94
N ASN A 149 -23.56 -52.75 28.22
CA ASN A 149 -22.82 -53.97 27.90
C ASN A 149 -23.62 -54.99 27.09
N ALA A 150 -24.86 -54.67 26.78
CA ALA A 150 -25.73 -55.57 26.02
C ALA A 150 -25.25 -55.69 24.58
N ALA A 151 -25.53 -56.83 23.97
CA ALA A 151 -25.07 -57.09 22.61
C ALA A 151 -25.81 -56.20 21.61
N PHE A 152 -25.07 -55.61 20.67
CA PHE A 152 -25.69 -54.80 19.62
C PHE A 152 -26.06 -55.71 18.45
N PRO A 153 -27.35 -55.76 18.11
CA PRO A 153 -27.83 -56.60 17.01
C PRO A 153 -27.24 -56.22 15.66
N GLN A 154 -26.89 -57.21 14.85
CA GLN A 154 -26.44 -56.94 13.48
C GLN A 154 -27.59 -56.30 12.72
N MET A 155 -27.30 -55.19 12.04
CA MET A 155 -28.32 -54.47 11.31
C MET A 155 -27.90 -54.20 9.87
N THR A 156 -28.88 -54.01 9.01
CA THR A 156 -28.61 -53.68 7.61
C THR A 156 -29.62 -52.64 7.12
N LYS A 157 -29.13 -51.43 6.86
CA LYS A 157 -29.99 -50.35 6.42
C LYS A 157 -29.60 -49.87 5.02
N SER A 158 -30.59 -49.68 4.17
CA SER A 158 -30.32 -49.25 2.80
C SER A 158 -31.12 -48.00 2.44
N TYR A 159 -30.63 -47.27 1.45
CA TYR A 159 -31.27 -46.04 1.01
C TYR A 159 -31.04 -45.81 -0.47
N LYS A 160 -32.12 -45.57 -1.21
CA LYS A 160 -32.03 -45.28 -2.63
C LYS A 160 -32.22 -43.80 -2.91
N ASN A 161 -31.37 -43.26 -3.79
CA ASN A 161 -31.53 -41.88 -4.24
C ASN A 161 -32.52 -41.81 -5.38
N THR A 162 -33.76 -41.42 -5.07
CA THR A 162 -34.82 -41.37 -6.07
C THR A 162 -34.83 -40.06 -6.82
N ARG A 163 -33.76 -39.28 -6.67
CA ARG A 163 -33.68 -37.96 -7.29
C ARG A 163 -32.74 -37.97 -8.49
N LYS A 164 -32.63 -36.82 -9.16
CA LYS A 164 -31.88 -36.73 -10.40
C LYS A 164 -30.46 -36.20 -10.17
N SER A 165 -30.20 -35.77 -8.94
CA SER A 165 -28.88 -35.30 -8.57
C SER A 165 -28.22 -36.29 -7.63
N PRO A 166 -26.88 -36.29 -7.58
CA PRO A 166 -26.18 -37.18 -6.64
C PRO A 166 -26.45 -36.80 -5.17
N ALA A 167 -26.55 -37.80 -4.31
CA ALA A 167 -26.83 -37.58 -2.90
C ALA A 167 -25.56 -37.67 -2.06
N LEU A 168 -25.38 -36.70 -1.16
CA LEU A 168 -24.24 -36.70 -0.27
C LEU A 168 -24.58 -37.39 1.05
N ILE A 169 -23.97 -38.54 1.29
CA ILE A 169 -24.25 -39.34 2.47
C ILE A 169 -23.04 -39.37 3.38
N VAL A 170 -23.26 -39.11 4.66
CA VAL A 170 -22.19 -39.10 5.64
C VAL A 170 -22.54 -40.04 6.79
N TRP A 171 -21.56 -40.83 7.21
CA TRP A 171 -21.70 -41.69 8.37
C TRP A 171 -20.44 -41.58 9.21
N GLY A 172 -20.53 -42.00 10.48
CA GLY A 172 -19.42 -41.86 11.38
C GLY A 172 -19.08 -43.15 12.09
N ILE A 173 -17.80 -43.35 12.35
CA ILE A 173 -17.34 -44.48 13.15
C ILE A 173 -16.87 -43.94 14.50
N HIS A 174 -17.36 -44.52 15.58
CA HIS A 174 -17.03 -44.04 16.91
C HIS A 174 -15.88 -44.83 17.52
N HIS A 175 -14.85 -44.12 17.96
CA HIS A 175 -13.72 -44.74 18.62
C HIS A 175 -13.72 -44.42 20.10
N SER A 176 -14.08 -45.40 20.92
CA SER A 176 -14.21 -45.20 22.37
C SER A 176 -12.84 -45.05 23.03
N VAL A 177 -12.84 -44.56 24.27
CA VAL A 177 -11.61 -44.29 24.99
C VAL A 177 -10.93 -45.58 25.44
N SER A 178 -11.73 -46.64 25.54
CA SER A 178 -11.24 -47.95 25.96
C SER A 178 -12.11 -49.05 25.38
N THR A 179 -11.61 -50.28 25.40
CA THR A 179 -12.41 -51.42 24.97
C THR A 179 -13.52 -51.65 25.98
N ALA A 180 -13.33 -51.13 27.18
CA ALA A 180 -14.34 -51.18 28.22
C ALA A 180 -15.53 -50.31 27.85
N GLU A 181 -15.24 -49.11 27.36
CA GLU A 181 -16.28 -48.16 26.98
C GLU A 181 -17.00 -48.62 25.71
N GLN A 182 -16.27 -49.24 24.79
CA GLN A 182 -16.86 -49.75 23.56
C GLN A 182 -17.84 -50.87 23.88
N THR A 183 -17.48 -51.71 24.83
CA THR A 183 -18.34 -52.83 25.23
C THR A 183 -19.56 -52.33 25.98
N LYS A 184 -19.37 -51.33 26.83
CA LYS A 184 -20.48 -50.73 27.58
C LYS A 184 -21.53 -50.12 26.65
N LEU A 185 -21.10 -49.68 25.48
CA LEU A 185 -22.00 -49.00 24.54
C LEU A 185 -22.58 -49.94 23.48
N TYR A 186 -21.76 -50.85 22.96
CA TYR A 186 -22.16 -51.67 21.83
C TYR A 186 -22.03 -53.17 22.10
N GLY A 187 -21.59 -53.52 23.30
CA GLY A 187 -21.44 -54.93 23.64
C GLY A 187 -20.04 -55.45 23.33
N SER A 188 -19.77 -56.67 23.78
CA SER A 188 -18.45 -57.28 23.60
C SER A 188 -18.21 -57.67 22.14
N GLY A 189 -17.07 -58.30 21.89
CA GLY A 189 -16.74 -58.80 20.56
C GLY A 189 -16.28 -57.72 19.60
N ASN A 190 -15.64 -58.14 18.53
CA ASN A 190 -15.17 -57.21 17.51
C ASN A 190 -16.33 -56.62 16.72
N LYS A 191 -16.15 -55.40 16.23
CA LYS A 191 -17.24 -54.68 15.56
C LYS A 191 -16.88 -54.37 14.11
N LEU A 192 -17.85 -54.50 13.21
CA LEU A 192 -17.61 -54.23 11.80
C LEU A 192 -18.72 -53.36 11.21
N VAL A 193 -18.34 -52.44 10.34
CA VAL A 193 -19.29 -51.64 9.59
C VAL A 193 -18.90 -51.65 8.12
N THR A 194 -19.79 -52.12 7.26
CA THR A 194 -19.52 -52.14 5.82
C THR A 194 -20.49 -51.23 5.10
N VAL A 195 -20.00 -50.54 4.09
CA VAL A 195 -20.82 -49.60 3.32
C VAL A 195 -20.75 -49.96 1.84
N GLY A 196 -21.88 -50.35 1.28
CA GLY A 196 -21.92 -50.80 -0.10
C GLY A 196 -22.76 -49.94 -1.03
N SER A 197 -22.21 -49.67 -2.19
CA SER A 197 -22.90 -48.92 -3.23
C SER A 197 -22.78 -49.69 -4.54
N SER A 198 -22.90 -49.00 -5.67
CA SER A 198 -22.75 -49.64 -6.97
C SER A 198 -21.54 -49.08 -7.71
N ASN A 199 -20.71 -48.36 -6.96
CA ASN A 199 -19.48 -47.78 -7.48
C ASN A 199 -18.57 -47.44 -6.30
N TYR A 200 -18.93 -47.99 -5.14
CA TYR A 200 -18.23 -47.71 -3.90
C TYR A 200 -18.26 -48.95 -3.01
N GLN A 201 -17.13 -49.27 -2.41
CA GLN A 201 -17.05 -50.37 -1.44
C GLN A 201 -15.94 -50.07 -0.44
N GLN A 202 -16.32 -49.99 0.83
CA GLN A 202 -15.38 -49.68 1.89
C GLN A 202 -15.74 -50.49 3.12
N SER A 203 -14.85 -50.51 4.09
CA SER A 203 -15.10 -51.24 5.33
C SER A 203 -14.49 -50.49 6.51
N PHE A 204 -15.06 -50.69 7.70
CA PHE A 204 -14.62 -49.93 8.86
C PHE A 204 -14.66 -50.74 10.15
N VAL A 205 -13.60 -50.61 10.94
CA VAL A 205 -13.50 -51.25 12.24
C VAL A 205 -13.12 -50.19 13.26
N PRO A 206 -13.77 -50.20 14.44
CA PRO A 206 -13.44 -49.15 15.42
C PRO A 206 -12.07 -49.40 16.05
N SER A 207 -11.53 -48.36 16.66
CA SER A 207 -10.20 -48.42 17.27
C SER A 207 -10.23 -47.81 18.66
N PRO A 208 -10.70 -48.58 19.65
CA PRO A 208 -10.74 -48.04 21.01
C PRO A 208 -9.35 -47.82 21.58
N GLY A 209 -9.17 -46.71 22.30
CA GLY A 209 -7.88 -46.38 22.87
C GLY A 209 -7.82 -44.98 23.44
N ALA A 210 -6.93 -44.78 24.40
CA ALA A 210 -6.79 -43.49 25.06
C ALA A 210 -6.22 -42.45 24.10
N ARG A 211 -6.81 -41.26 24.11
CA ARG A 211 -6.39 -40.17 23.25
C ARG A 211 -6.45 -38.89 24.07
N PRO A 212 -5.72 -37.85 23.64
CA PRO A 212 -5.76 -36.58 24.38
C PRO A 212 -7.17 -36.03 24.45
N GLN A 213 -7.51 -35.42 25.59
CA GLN A 213 -8.85 -34.86 25.75
C GLN A 213 -9.05 -33.64 24.88
N VAL A 214 -10.04 -33.72 24.00
CA VAL A 214 -10.47 -32.57 23.21
C VAL A 214 -11.92 -32.31 23.56
N ASN A 215 -12.23 -31.08 23.97
CA ASN A 215 -13.54 -30.72 24.49
C ASN A 215 -13.91 -31.58 25.69
N GLY A 216 -12.89 -32.03 26.43
CA GLY A 216 -13.08 -32.85 27.60
C GLY A 216 -13.22 -34.32 27.28
N LEU A 217 -13.19 -34.65 25.99
CA LEU A 217 -13.41 -36.02 25.55
C LEU A 217 -12.16 -36.65 24.93
N SER A 218 -11.95 -37.93 25.23
CA SER A 218 -10.82 -38.67 24.70
C SER A 218 -11.26 -39.61 23.59
N GLY A 219 -12.54 -39.57 23.27
CA GLY A 219 -13.09 -40.39 22.20
C GLY A 219 -13.09 -39.63 20.90
N ARG A 220 -13.16 -40.35 19.78
CA ARG A 220 -13.16 -39.72 18.47
C ARG A 220 -14.25 -40.29 17.57
N ILE A 221 -14.90 -39.41 16.83
CA ILE A 221 -15.78 -39.82 15.75
C ILE A 221 -15.20 -39.32 14.44
N ASP A 222 -14.78 -40.25 13.57
CA ASP A 222 -14.32 -39.86 12.24
C ASP A 222 -15.41 -40.12 11.23
N PHE A 223 -15.73 -39.09 10.45
CA PHE A 223 -16.82 -39.16 9.49
C PHE A 223 -16.35 -39.58 8.11
N HIS A 224 -17.20 -40.34 7.43
CA HIS A 224 -16.91 -40.77 6.07
C HIS A 224 -18.06 -40.38 5.15
N TRP A 225 -17.77 -40.17 3.88
CA TRP A 225 -18.77 -39.70 2.94
C TRP A 225 -18.61 -40.29 1.54
N LEU A 226 -19.72 -40.34 0.81
CA LEU A 226 -19.70 -40.72 -0.59
C LEU A 226 -20.80 -39.95 -1.32
N MET A 227 -20.70 -39.90 -2.64
CA MET A 227 -21.76 -39.31 -3.45
C MET A 227 -22.56 -40.45 -4.07
N LEU A 228 -23.87 -40.46 -3.83
CA LEU A 228 -24.72 -41.51 -4.37
C LEU A 228 -25.33 -41.08 -5.69
N ASN A 229 -25.02 -41.83 -6.75
CA ASN A 229 -25.61 -41.55 -8.05
C ASN A 229 -27.12 -41.78 -8.04
N PRO A 230 -27.86 -41.09 -8.91
CA PRO A 230 -29.31 -41.25 -9.03
C PRO A 230 -29.74 -42.71 -9.20
N ASN A 231 -30.84 -43.09 -8.54
CA ASN A 231 -31.41 -44.43 -8.61
C ASN A 231 -30.50 -45.52 -8.05
N ASP A 232 -29.31 -45.14 -7.61
CA ASP A 232 -28.41 -46.09 -6.97
C ASP A 232 -28.75 -46.17 -5.48
N THR A 233 -28.26 -47.21 -4.81
CA THR A 233 -28.61 -47.47 -3.42
C THR A 233 -27.34 -47.65 -2.59
N VAL A 234 -27.35 -47.11 -1.38
CA VAL A 234 -26.30 -47.41 -0.40
C VAL A 234 -26.85 -48.35 0.65
N THR A 235 -26.02 -49.29 1.10
CA THR A 235 -26.43 -50.23 2.13
C THR A 235 -25.44 -50.20 3.29
N PHE A 236 -25.97 -50.10 4.51
CA PHE A 236 -25.14 -50.07 5.71
C PHE A 236 -25.29 -51.35 6.51
N SER A 237 -24.21 -52.12 6.63
CA SER A 237 -24.21 -53.31 7.47
C SER A 237 -23.28 -53.05 8.65
N PHE A 238 -23.83 -53.21 9.86
CA PHE A 238 -23.08 -52.84 11.06
C PHE A 238 -23.58 -53.57 12.30
N ASN A 239 -22.81 -53.48 13.38
CA ASN A 239 -23.14 -54.12 14.64
C ASN A 239 -22.64 -53.32 15.84
N GLY A 240 -22.42 -52.02 15.64
CA GLY A 240 -21.98 -51.16 16.72
C GLY A 240 -20.97 -50.12 16.26
N ALA A 241 -20.70 -49.16 17.14
CA ALA A 241 -19.73 -48.10 16.87
C ALA A 241 -20.04 -47.35 15.57
N PHE A 242 -21.32 -47.31 15.22
CA PHE A 242 -21.75 -46.71 13.97
C PHE A 242 -22.58 -45.46 14.20
N ILE A 243 -22.18 -44.36 13.58
CA ILE A 243 -22.96 -43.13 13.63
C ILE A 243 -23.77 -43.00 12.35
N ALA A 244 -25.07 -43.23 12.47
CA ALA A 244 -25.95 -43.28 11.31
C ALA A 244 -26.43 -41.90 10.91
N PRO A 245 -26.59 -41.67 9.61
CA PRO A 245 -27.19 -40.44 9.10
C PRO A 245 -28.70 -40.47 9.20
N ASP A 246 -29.33 -39.32 9.41
CA ASP A 246 -30.78 -39.24 9.45
C ASP A 246 -31.28 -38.69 8.12
N ARG A 247 -30.51 -37.76 7.56
CA ARG A 247 -30.87 -37.13 6.30
C ARG A 247 -29.70 -37.11 5.32
N ALA A 248 -30.02 -37.10 4.03
CA ALA A 248 -29.00 -36.99 2.99
C ALA A 248 -28.95 -35.55 2.49
N SER A 249 -27.90 -35.20 1.76
CA SER A 249 -27.75 -33.84 1.26
C SER A 249 -27.78 -33.80 -0.25
N PHE A 250 -28.40 -32.76 -0.80
CA PHE A 250 -28.41 -32.55 -2.24
C PHE A 250 -27.94 -31.13 -2.55
N LEU A 251 -27.08 -31.01 -3.55
CA LEU A 251 -26.49 -29.72 -3.89
C LEU A 251 -27.51 -28.88 -4.64
N ARG A 252 -27.62 -27.62 -4.25
CA ARG A 252 -28.63 -26.72 -4.80
C ARG A 252 -28.30 -26.28 -6.23
N GLY A 253 -27.06 -25.86 -6.44
CA GLY A 253 -26.65 -25.42 -7.77
C GLY A 253 -25.18 -25.06 -7.91
N LYS A 254 -24.91 -23.77 -7.89
CA LYS A 254 -23.57 -23.25 -8.12
C LYS A 254 -23.21 -22.12 -7.17
N SER A 255 -21.98 -22.12 -6.69
CA SER A 255 -21.49 -21.06 -5.81
C SER A 255 -19.97 -21.02 -5.81
N MET A 256 -19.42 -20.15 -4.97
CA MET A 256 -17.98 -20.06 -4.79
C MET A 256 -17.69 -19.84 -3.32
N GLY A 257 -16.70 -20.56 -2.80
CA GLY A 257 -16.36 -20.45 -1.40
C GLY A 257 -15.01 -19.81 -1.22
N ILE A 258 -14.90 -19.00 -0.16
CA ILE A 258 -13.64 -18.36 0.17
C ILE A 258 -13.36 -18.49 1.66
N GLN A 259 -12.11 -18.26 2.04
CA GLN A 259 -11.72 -18.18 3.43
C GLN A 259 -11.28 -16.75 3.72
N SER A 260 -11.89 -16.12 4.71
CA SER A 260 -11.58 -14.72 4.96
C SER A 260 -11.56 -14.40 6.45
N GLY A 261 -10.87 -13.32 6.79
CA GLY A 261 -10.80 -12.84 8.15
C GLY A 261 -11.16 -11.37 8.21
N VAL A 262 -11.93 -10.91 7.22
CA VAL A 262 -12.38 -9.53 7.16
C VAL A 262 -13.88 -9.47 6.96
N GLN A 263 -14.49 -8.34 7.32
CA GLN A 263 -15.94 -8.21 7.32
C GLN A 263 -16.56 -8.29 5.93
N VAL A 264 -17.89 -8.32 5.90
CA VAL A 264 -18.63 -8.41 4.65
C VAL A 264 -19.27 -7.06 4.33
N ASP A 265 -19.37 -6.72 3.05
CA ASP A 265 -20.01 -5.49 2.62
C ASP A 265 -20.95 -5.79 1.46
N ALA A 266 -22.24 -5.50 1.64
CA ALA A 266 -23.24 -5.79 0.63
C ALA A 266 -23.50 -4.60 -0.28
N ASN A 267 -22.63 -3.59 -0.16
CA ASN A 267 -22.72 -2.40 -0.99
C ASN A 267 -21.75 -2.51 -2.16
N CYS A 268 -20.52 -2.88 -1.85
CA CYS A 268 -19.49 -3.09 -2.85
C CYS A 268 -19.78 -4.32 -3.71
N GLU A 269 -19.46 -4.22 -4.99
CA GLU A 269 -19.62 -5.34 -5.91
C GLU A 269 -18.26 -5.82 -6.41
N GLY A 270 -17.93 -7.09 -6.14
CA GLY A 270 -16.66 -7.65 -6.55
C GLY A 270 -16.78 -9.02 -7.19
N ASP A 271 -15.65 -9.55 -7.66
CA ASP A 271 -15.62 -10.86 -8.29
C ASP A 271 -14.27 -11.55 -8.10
N CYS A 272 -13.37 -10.93 -7.36
CA CYS A 272 -12.08 -11.53 -7.04
C CYS A 272 -11.78 -11.38 -5.56
N TYR A 273 -11.62 -12.51 -4.88
CA TYR A 273 -11.50 -12.49 -3.43
C TYR A 273 -10.20 -13.11 -2.92
N HIS A 274 -9.82 -12.72 -1.72
CA HIS A 274 -8.74 -13.34 -0.98
C HIS A 274 -9.05 -13.14 0.50
N SER A 275 -8.23 -13.72 1.37
CA SER A 275 -8.50 -13.69 2.80
C SER A 275 -8.48 -12.26 3.37
N GLY A 276 -7.86 -11.35 2.64
CA GLY A 276 -7.69 -9.99 3.11
C GLY A 276 -8.73 -9.03 2.56
N GLY A 277 -9.56 -9.51 1.65
CA GLY A 277 -10.62 -8.69 1.09
C GLY A 277 -10.90 -8.91 -0.38
N THR A 278 -11.26 -7.82 -1.07
CA THR A 278 -11.67 -7.91 -2.47
C THR A 278 -10.73 -7.11 -3.38
N ILE A 279 -10.44 -7.67 -4.54
CA ILE A 279 -9.65 -6.97 -5.55
C ILE A 279 -10.57 -6.57 -6.70
N ILE A 280 -10.82 -5.26 -6.82
CA ILE A 280 -11.59 -4.74 -7.93
C ILE A 280 -10.64 -3.93 -8.78
N SER A 281 -10.44 -4.37 -10.02
CA SER A 281 -9.43 -3.77 -10.87
C SER A 281 -9.61 -4.19 -12.32
N ASN A 282 -9.33 -3.26 -13.23
CA ASN A 282 -9.31 -3.57 -14.65
C ASN A 282 -7.89 -3.90 -15.08
N LEU A 283 -6.95 -3.77 -14.15
CA LEU A 283 -5.54 -4.06 -14.43
C LEU A 283 -5.34 -5.55 -14.67
N PRO A 284 -4.40 -5.89 -15.57
CA PRO A 284 -4.13 -7.28 -15.95
C PRO A 284 -3.47 -8.11 -14.85
N PHE A 285 -2.75 -7.46 -13.95
CA PHE A 285 -2.00 -8.17 -12.92
C PHE A 285 -2.25 -7.62 -11.53
N GLN A 286 -1.85 -8.39 -10.52
CA GLN A 286 -1.96 -7.98 -9.13
C GLN A 286 -0.83 -8.59 -8.30
N ASN A 287 -0.52 -7.95 -7.17
CA ASN A 287 0.57 -8.37 -6.31
C ASN A 287 0.09 -8.50 -4.86
N ILE A 288 -1.20 -8.80 -4.72
CA ILE A 288 -1.82 -8.85 -3.40
C ILE A 288 -1.82 -10.26 -2.80
N ASP A 289 -2.34 -11.23 -3.54
CA ASP A 289 -2.39 -12.60 -3.06
C ASP A 289 -2.38 -13.60 -4.21
N SER A 290 -1.45 -14.55 -4.16
CA SER A 290 -1.31 -15.55 -5.21
C SER A 290 -2.46 -16.53 -5.19
N ARG A 291 -3.07 -16.70 -4.02
CA ARG A 291 -4.16 -17.66 -3.86
C ARG A 291 -5.53 -16.99 -3.97
N ALA A 292 -5.56 -15.79 -4.53
CA ALA A 292 -6.83 -15.10 -4.76
C ALA A 292 -7.71 -15.91 -5.69
N VAL A 293 -9.01 -15.90 -5.45
CA VAL A 293 -9.94 -16.73 -6.22
C VAL A 293 -11.10 -15.94 -6.80
N GLY A 294 -11.77 -16.53 -7.78
CA GLY A 294 -12.82 -15.85 -8.51
C GLY A 294 -12.31 -15.44 -9.86
N LYS A 295 -12.81 -14.33 -10.39
CA LYS A 295 -12.32 -13.80 -11.65
C LYS A 295 -11.30 -12.71 -11.36
N CYS A 296 -10.01 -13.06 -11.49
CA CYS A 296 -8.94 -12.21 -11.01
C CYS A 296 -7.90 -11.90 -12.09
N PRO A 297 -7.19 -10.78 -11.93
CA PRO A 297 -5.96 -10.53 -12.69
C PRO A 297 -4.89 -11.51 -12.28
N ARG A 298 -3.95 -11.84 -13.17
CA ARG A 298 -2.94 -12.83 -12.84
C ARG A 298 -2.00 -12.31 -11.76
N TYR A 299 -1.64 -13.16 -10.81
CA TYR A 299 -0.71 -12.74 -9.77
C TYR A 299 0.72 -12.69 -10.30
N VAL A 300 1.45 -11.64 -9.91
CA VAL A 300 2.85 -11.51 -10.29
C VAL A 300 3.73 -11.14 -9.10
N LYS A 301 5.02 -11.41 -9.23
CA LYS A 301 6.01 -11.13 -8.19
C LYS A 301 6.23 -9.64 -7.99
N GLN A 302 6.20 -8.89 -9.09
CA GLN A 302 6.54 -7.48 -9.07
C GLN A 302 5.39 -6.66 -8.49
N ARG A 303 5.73 -5.61 -7.75
CA ARG A 303 4.73 -4.72 -7.18
C ARG A 303 4.36 -3.60 -8.15
N SER A 304 5.21 -3.36 -9.14
CA SER A 304 4.99 -2.29 -10.08
C SER A 304 5.58 -2.56 -11.47
N LEU A 305 4.75 -2.40 -12.48
CA LEU A 305 5.18 -2.47 -13.87
C LEU A 305 4.50 -1.34 -14.64
N LEU A 306 5.25 -0.27 -14.91
CA LEU A 306 4.66 0.92 -15.52
C LEU A 306 4.57 0.80 -17.03
N LEU A 307 3.39 1.10 -17.56
CA LEU A 307 3.16 1.08 -19.00
C LEU A 307 3.14 2.50 -19.54
N ALA A 308 4.07 2.79 -20.45
CA ALA A 308 4.15 4.10 -21.04
C ALA A 308 2.89 4.43 -21.82
N THR A 309 2.25 5.54 -21.45
CA THR A 309 1.04 6.00 -22.12
C THR A 309 1.32 7.30 -22.84
N GLY A 310 2.60 7.62 -22.96
CA GLY A 310 3.05 8.83 -23.63
C GLY A 310 4.40 8.62 -24.26
N MET A 311 4.81 9.56 -25.10
CA MET A 311 6.07 9.44 -25.82
C MET A 311 7.26 9.58 -24.89
N LYS A 312 8.44 9.26 -25.41
CA LYS A 312 9.69 9.45 -24.67
C LYS A 312 9.87 10.93 -24.33
N ASN A 313 10.20 11.23 -23.08
CA ASN A 313 10.30 12.62 -22.66
C ASN A 313 11.69 13.20 -22.91
N VAL A 314 11.74 14.24 -23.74
CA VAL A 314 12.97 14.95 -24.04
C VAL A 314 12.85 16.41 -23.63
N PRO A 315 13.60 16.81 -22.58
CA PRO A 315 13.53 18.16 -22.03
C PRO A 315 14.00 19.23 -23.01
N GLU A 316 13.36 20.39 -22.96
CA GLU A 316 13.70 21.50 -23.85
C GLU A 316 15.05 22.12 -23.49
N ILE A 317 15.82 22.51 -24.51
CA ILE A 317 17.09 23.18 -24.30
C ILE A 317 16.85 24.60 -23.79
N PRO A 318 17.33 24.90 -22.58
CA PRO A 318 17.09 26.20 -21.95
C PRO A 318 18.07 27.28 -22.39
N GLY B 4 17.82 34.15 -29.88
CA GLY B 4 16.37 34.04 -29.90
C GLY B 4 15.88 33.11 -30.99
N ALA B 5 16.66 32.07 -31.27
CA ALA B 5 16.30 31.11 -32.31
C ALA B 5 15.29 30.09 -31.80
N ILE B 6 14.59 29.45 -32.73
CA ILE B 6 13.67 28.37 -32.40
C ILE B 6 14.21 27.05 -32.94
N ALA B 7 13.82 25.95 -32.31
CA ALA B 7 14.26 24.62 -32.74
C ALA B 7 13.11 23.63 -32.58
N GLY B 8 13.11 22.59 -33.41
CA GLY B 8 12.09 21.57 -33.34
C GLY B 8 12.64 20.34 -32.66
N PHE B 9 12.10 19.17 -32.99
CA PHE B 9 12.65 17.91 -32.47
C PHE B 9 14.09 17.75 -32.97
N ILE B 10 14.76 16.69 -32.54
CA ILE B 10 16.23 16.52 -32.64
C ILE B 10 16.87 17.39 -31.57
N GLU B 11 17.29 16.76 -30.48
CA GLU B 11 17.73 17.47 -29.27
C GLU B 11 16.73 18.53 -28.82
N ASN B 12 15.68 18.05 -28.13
CA ASN B 12 14.74 18.77 -27.25
C ASN B 12 13.28 18.68 -27.68
N GLY B 13 12.39 18.67 -26.69
CA GLY B 13 10.96 18.76 -26.92
C GLY B 13 10.48 20.13 -26.50
N TRP B 14 9.17 20.36 -26.51
CA TRP B 14 8.60 21.65 -26.15
C TRP B 14 7.69 21.55 -24.93
N GLU B 15 8.12 22.11 -23.82
CA GLU B 15 7.33 22.07 -22.59
C GLU B 15 6.19 23.10 -22.64
N GLY B 16 6.15 23.88 -23.70
CA GLY B 16 5.10 24.86 -23.88
C GLY B 16 3.97 24.36 -24.75
N LEU B 17 4.23 23.31 -25.52
CA LEU B 17 3.19 22.66 -26.31
C LEU B 17 2.28 21.87 -25.37
N ILE B 18 1.18 22.48 -24.94
CA ILE B 18 0.34 21.91 -23.89
C ILE B 18 -1.08 21.57 -24.35
N ASP B 19 -1.36 21.73 -25.64
CA ASP B 19 -2.68 21.40 -26.18
C ASP B 19 -2.60 20.29 -27.23
N GLY B 20 -1.44 19.64 -27.30
CA GLY B 20 -1.24 18.55 -28.24
C GLY B 20 0.07 17.83 -28.03
N TRP B 21 0.25 16.70 -28.71
CA TRP B 21 1.48 15.93 -28.61
C TRP B 21 2.50 16.40 -29.62
N TYR B 22 2.05 16.62 -30.85
CA TYR B 22 2.92 17.12 -31.92
C TYR B 22 2.44 18.49 -32.34
N GLY B 23 3.35 19.33 -32.83
CA GLY B 23 2.97 20.69 -33.18
C GLY B 23 3.90 21.47 -34.06
N PHE B 24 3.48 22.69 -34.38
CA PHE B 24 4.24 23.60 -35.21
C PHE B 24 4.76 24.78 -34.38
N ARG B 25 5.96 25.24 -34.70
CA ARG B 25 6.48 26.47 -34.11
C ARG B 25 7.18 27.29 -35.17
N HIS B 26 6.67 28.50 -35.39
CA HIS B 26 7.16 29.33 -36.47
C HIS B 26 7.68 30.65 -35.95
N GLN B 27 8.45 31.34 -36.78
CA GLN B 27 8.78 32.74 -36.53
C GLN B 27 8.82 33.50 -37.84
N ASN B 28 8.11 34.62 -37.86
CA ASN B 28 8.06 35.51 -39.02
C ASN B 28 8.07 36.96 -38.57
N ALA B 29 7.68 37.87 -39.45
CA ALA B 29 7.63 39.28 -39.09
C ALA B 29 6.59 39.53 -38.00
N GLN B 30 5.53 38.73 -38.00
CA GLN B 30 4.49 38.85 -36.98
C GLN B 30 4.97 38.35 -35.62
N GLY B 31 6.11 37.68 -35.62
CA GLY B 31 6.68 37.16 -34.37
C GLY B 31 6.74 35.65 -34.33
N GLU B 32 6.62 35.12 -33.12
CA GLU B 32 6.74 33.68 -32.90
C GLU B 32 5.39 33.11 -32.47
N GLY B 33 5.12 31.88 -32.89
CA GLY B 33 3.87 31.22 -32.54
C GLY B 33 4.01 29.72 -32.50
N THR B 34 3.13 29.07 -31.76
CA THR B 34 3.16 27.61 -31.61
C THR B 34 1.75 27.03 -31.61
N ALA B 35 1.52 26.05 -32.47
CA ALA B 35 0.22 25.41 -32.58
C ALA B 35 0.40 23.90 -32.72
N ALA B 36 -0.58 23.15 -32.22
CA ALA B 36 -0.50 21.69 -32.21
C ALA B 36 -1.17 21.11 -33.45
N ASP B 37 -0.63 19.99 -33.95
CA ASP B 37 -1.23 19.29 -35.08
C ASP B 37 -2.17 18.21 -34.57
N TYR B 38 -3.40 18.20 -35.08
CA TYR B 38 -4.44 17.30 -34.60
C TYR B 38 -4.24 15.87 -35.10
N LYS B 39 -4.12 15.73 -36.41
CA LYS B 39 -4.08 14.42 -37.06
C LYS B 39 -2.95 13.52 -36.55
N SER B 40 -1.79 14.10 -36.32
CA SER B 40 -0.64 13.35 -35.81
C SER B 40 -0.83 13.01 -34.34
N THR B 41 -1.33 13.97 -33.58
CA THR B 41 -1.57 13.78 -32.15
C THR B 41 -2.67 12.74 -31.93
N GLN B 42 -3.72 12.81 -32.72
CA GLN B 42 -4.85 11.90 -32.55
C GLN B 42 -4.46 10.47 -32.92
N SER B 43 -3.60 10.33 -33.92
CA SER B 43 -3.10 9.01 -34.32
C SER B 43 -2.37 8.34 -33.17
N ALA B 44 -1.45 9.09 -32.56
CA ALA B 44 -0.66 8.56 -31.46
C ALA B 44 -1.52 8.22 -30.24
N ILE B 45 -2.48 9.08 -29.94
CA ILE B 45 -3.39 8.83 -28.81
C ILE B 45 -4.29 7.62 -29.07
N ASP B 46 -4.79 7.48 -30.29
CA ASP B 46 -5.64 6.35 -30.65
C ASP B 46 -4.90 5.02 -30.52
N GLN B 47 -3.60 5.03 -30.84
CA GLN B 47 -2.79 3.82 -30.76
C GLN B 47 -2.48 3.46 -29.31
N ILE B 48 -2.19 4.47 -28.49
CA ILE B 48 -1.87 4.25 -27.09
C ILE B 48 -3.11 3.77 -26.31
N THR B 49 -4.23 4.41 -26.56
CA THR B 49 -5.50 4.00 -25.95
C THR B 49 -5.91 2.62 -26.45
N GLY B 50 -5.50 2.30 -27.68
CA GLY B 50 -5.76 1.00 -28.26
C GLY B 50 -5.06 -0.11 -27.50
N LYS B 51 -3.86 0.18 -27.03
CA LYS B 51 -3.10 -0.76 -26.21
C LYS B 51 -3.79 -0.98 -24.88
N LEU B 52 -4.27 0.12 -24.29
CA LEU B 52 -4.91 0.09 -22.98
C LEU B 52 -6.15 -0.81 -22.95
N ASN B 53 -7.03 -0.65 -23.94
CA ASN B 53 -8.25 -1.44 -24.03
C ASN B 53 -7.91 -2.91 -24.18
N ARG B 54 -6.82 -3.16 -24.90
CA ARG B 54 -6.32 -4.50 -25.12
C ARG B 54 -5.87 -5.18 -23.82
N LEU B 55 -5.33 -4.39 -22.90
CA LEU B 55 -4.84 -4.93 -21.64
C LEU B 55 -5.92 -4.86 -20.55
N ILE B 56 -7.10 -4.41 -20.94
CA ILE B 56 -8.23 -4.32 -20.02
C ILE B 56 -9.18 -5.50 -20.25
N GLU B 57 -9.09 -6.08 -21.44
CA GLU B 57 -9.90 -7.25 -21.80
C GLU B 57 -9.79 -8.36 -20.76
N LYS B 58 -10.80 -8.42 -19.88
CA LYS B 58 -10.80 -9.34 -18.74
C LYS B 58 -10.97 -10.79 -19.16
N THR B 59 -10.55 -11.68 -18.28
CA THR B 59 -10.70 -13.12 -18.49
C THR B 59 -12.00 -13.63 -17.87
N ASN B 60 -12.63 -14.60 -18.53
CA ASN B 60 -13.83 -15.21 -18.00
C ASN B 60 -13.50 -16.50 -17.26
N GLN B 61 -12.21 -16.79 -17.13
CA GLN B 61 -11.78 -17.97 -16.40
C GLN B 61 -11.89 -17.73 -14.90
N GLN B 62 -12.69 -18.57 -14.25
CA GLN B 62 -12.84 -18.49 -12.81
C GLN B 62 -12.02 -19.59 -12.16
N PHE B 63 -11.33 -19.26 -11.09
CA PHE B 63 -10.55 -20.26 -10.37
C PHE B 63 -11.03 -20.41 -8.93
N GLU B 64 -10.97 -21.64 -8.43
CA GLU B 64 -11.43 -21.91 -7.08
C GLU B 64 -10.28 -22.37 -6.20
N LEU B 65 -10.55 -22.41 -4.90
CA LEU B 65 -9.57 -22.81 -3.90
C LEU B 65 -9.11 -24.24 -4.16
N ILE B 66 -7.80 -24.47 -4.06
CA ILE B 66 -7.25 -25.78 -4.32
C ILE B 66 -6.50 -26.29 -3.09
N ASP B 67 -6.30 -25.39 -2.13
CA ASP B 67 -5.74 -25.75 -0.83
C ASP B 67 -6.48 -25.02 0.28
N ASN B 68 -5.87 -24.97 1.45
CA ASN B 68 -6.51 -24.44 2.65
C ASN B 68 -5.50 -23.73 3.53
N GLU B 69 -5.81 -22.50 3.93
CA GLU B 69 -4.89 -21.73 4.77
C GLU B 69 -5.33 -21.71 6.23
N PHE B 70 -6.41 -22.43 6.53
CA PHE B 70 -6.81 -22.65 7.92
C PHE B 70 -6.36 -24.05 8.34
N ASN B 71 -6.79 -25.04 7.58
CA ASN B 71 -6.40 -26.43 7.80
C ASN B 71 -5.50 -26.93 6.68
N GLU B 72 -4.19 -26.81 6.88
CA GLU B 72 -3.21 -27.15 5.84
C GLU B 72 -3.41 -28.57 5.32
N VAL B 73 -3.39 -28.71 3.99
CA VAL B 73 -3.63 -30.00 3.36
C VAL B 73 -2.44 -30.92 3.57
N GLU B 74 -2.55 -32.15 3.06
CA GLU B 74 -1.49 -33.14 3.18
C GLU B 74 -0.20 -32.61 2.55
N LYS B 75 0.93 -32.95 3.15
CA LYS B 75 2.23 -32.41 2.75
C LYS B 75 2.57 -32.64 1.28
N GLN B 76 2.45 -33.89 0.84
CA GLN B 76 2.86 -34.26 -0.51
C GLN B 76 2.06 -33.53 -1.58
N ILE B 77 0.73 -33.60 -1.50
CA ILE B 77 -0.11 -32.91 -2.46
C ILE B 77 -0.01 -31.40 -2.27
N GLY B 78 0.30 -30.97 -1.05
CA GLY B 78 0.41 -29.56 -0.75
C GLY B 78 1.64 -28.97 -1.40
N ASN B 79 2.76 -29.69 -1.33
CA ASN B 79 3.99 -29.26 -1.95
C ASN B 79 3.90 -29.29 -3.48
N VAL B 80 3.17 -30.26 -4.02
CA VAL B 80 2.95 -30.33 -5.46
C VAL B 80 2.17 -29.10 -5.93
N ILE B 81 1.13 -28.75 -5.16
CA ILE B 81 0.29 -27.59 -5.44
C ILE B 81 1.11 -26.30 -5.40
N ASN B 82 1.87 -26.13 -4.32
CA ASN B 82 2.73 -24.96 -4.13
C ASN B 82 3.76 -24.85 -5.25
N TRP B 83 4.38 -25.99 -5.58
CA TRP B 83 5.36 -26.06 -6.67
C TRP B 83 4.76 -25.69 -8.02
N THR B 84 3.51 -26.10 -8.25
CA THR B 84 2.81 -25.79 -9.50
C THR B 84 2.46 -24.30 -9.56
N ARG B 85 1.97 -23.77 -8.44
CA ARG B 85 1.56 -22.37 -8.37
C ARG B 85 2.77 -21.44 -8.54
N ASP B 86 3.84 -21.75 -7.81
CA ASP B 86 5.05 -20.94 -7.86
C ASP B 86 5.66 -20.96 -9.25
N SER B 87 5.49 -22.08 -9.95
CA SER B 87 5.98 -22.22 -11.31
C SER B 87 5.17 -21.33 -12.25
N ILE B 88 3.86 -21.28 -12.02
CA ILE B 88 2.95 -20.48 -12.83
C ILE B 88 3.16 -19.00 -12.57
N THR B 89 3.41 -18.63 -11.32
CA THR B 89 3.69 -17.25 -10.96
C THR B 89 4.96 -16.77 -11.64
N GLU B 90 5.96 -17.64 -11.71
CA GLU B 90 7.19 -17.35 -12.43
C GLU B 90 6.92 -17.03 -13.90
N VAL B 91 5.99 -17.77 -14.48
CA VAL B 91 5.63 -17.62 -15.88
C VAL B 91 4.92 -16.29 -16.11
N TRP B 92 3.90 -15.99 -15.30
CA TRP B 92 3.14 -14.76 -15.46
C TRP B 92 3.96 -13.53 -15.12
N SER B 93 4.84 -13.66 -14.13
CA SER B 93 5.74 -12.57 -13.75
C SER B 93 6.67 -12.27 -14.92
N TYR B 94 7.12 -13.33 -15.60
CA TYR B 94 7.96 -13.16 -16.78
C TYR B 94 7.16 -12.50 -17.90
N ASN B 95 5.99 -13.06 -18.19
CA ASN B 95 5.11 -12.52 -19.23
C ASN B 95 4.79 -11.05 -19.03
N ALA B 96 4.44 -10.69 -17.80
CA ALA B 96 4.13 -9.31 -17.45
C ALA B 96 5.32 -8.40 -17.71
N GLU B 97 6.49 -8.83 -17.23
CA GLU B 97 7.72 -8.08 -17.39
C GLU B 97 8.02 -7.84 -18.87
N LEU B 98 7.91 -8.92 -19.64
CA LEU B 98 8.19 -8.88 -21.07
C LEU B 98 7.14 -8.09 -21.85
N LEU B 99 5.87 -8.28 -21.50
CA LEU B 99 4.78 -7.56 -22.15
C LEU B 99 4.97 -6.04 -22.06
N VAL B 100 5.19 -5.55 -20.85
CA VAL B 100 5.35 -4.12 -20.62
C VAL B 100 6.57 -3.57 -21.35
N ALA B 101 7.71 -4.24 -21.20
CA ALA B 101 8.94 -3.82 -21.84
C ALA B 101 8.80 -3.80 -23.36
N MET B 102 8.05 -4.77 -23.89
CA MET B 102 7.82 -4.84 -25.33
C MET B 102 6.92 -3.70 -25.78
N GLU B 103 5.79 -3.53 -25.08
CA GLU B 103 4.83 -2.48 -25.41
C GLU B 103 5.44 -1.08 -25.31
N ASN B 104 6.22 -0.85 -24.26
CA ASN B 104 6.84 0.45 -24.04
C ASN B 104 7.82 0.81 -25.15
N GLN B 105 8.61 -0.17 -25.59
CA GLN B 105 9.53 0.02 -26.69
C GLN B 105 8.78 0.41 -27.96
N HIS B 106 7.64 -0.25 -28.17
CA HIS B 106 6.80 0.03 -29.33
C HIS B 106 6.09 1.38 -29.23
N THR B 107 5.63 1.72 -28.03
CA THR B 107 4.97 3.01 -27.80
C THR B 107 5.92 4.16 -28.13
N ILE B 108 7.16 4.04 -27.64
CA ILE B 108 8.20 5.03 -27.90
C ILE B 108 8.50 5.13 -29.39
N ASP B 109 8.66 3.98 -30.05
CA ASP B 109 8.99 3.95 -31.46
C ASP B 109 7.88 4.48 -32.36
N LEU B 110 6.62 4.14 -32.05
CA LEU B 110 5.51 4.60 -32.87
C LEU B 110 5.34 6.10 -32.68
N ALA B 111 5.76 6.59 -31.52
CA ALA B 111 5.70 8.01 -31.22
C ALA B 111 6.76 8.77 -32.02
N ASP B 112 7.95 8.19 -32.11
CA ASP B 112 9.01 8.76 -32.93
C ASP B 112 8.61 8.71 -34.40
N SER B 113 7.88 7.66 -34.78
CA SER B 113 7.43 7.48 -36.14
C SER B 113 6.49 8.62 -36.56
N GLU B 114 5.56 8.95 -35.68
CA GLU B 114 4.60 10.03 -35.95
C GLU B 114 5.31 11.36 -36.13
N MET B 115 6.36 11.59 -35.35
CA MET B 115 7.14 12.81 -35.45
C MET B 115 7.79 12.93 -36.83
N ASP B 116 8.39 11.83 -37.28
CA ASP B 116 9.04 11.79 -38.59
C ASP B 116 8.04 11.98 -39.72
N LYS B 117 6.87 11.36 -39.60
CA LYS B 117 5.82 11.44 -40.60
C LYS B 117 5.31 12.87 -40.78
N LEU B 118 5.22 13.60 -39.67
CA LEU B 118 4.78 14.98 -39.70
C LEU B 118 5.83 15.87 -40.37
N TYR B 119 7.08 15.64 -39.98
CA TYR B 119 8.23 16.36 -40.53
C TYR B 119 8.37 16.10 -42.02
N GLU B 120 8.20 14.84 -42.42
CA GLU B 120 8.30 14.45 -43.83
C GLU B 120 7.14 15.00 -44.65
N ARG B 121 5.98 15.15 -44.01
CA ARG B 121 4.80 15.69 -44.67
C ARG B 121 5.03 17.15 -45.03
N VAL B 122 5.46 17.93 -44.04
CA VAL B 122 5.74 19.35 -44.22
C VAL B 122 6.81 19.56 -45.28
N LYS B 123 7.83 18.71 -45.25
CA LYS B 123 8.90 18.77 -46.24
C LYS B 123 8.37 18.64 -47.67
N ARG B 124 7.36 17.78 -47.83
CA ARG B 124 6.75 17.56 -49.13
C ARG B 124 5.83 18.70 -49.52
N GLN B 125 5.31 19.42 -48.53
CA GLN B 125 4.44 20.55 -48.80
C GLN B 125 5.24 21.72 -49.35
N LEU B 126 6.40 21.97 -48.76
CA LEU B 126 7.20 23.15 -49.07
C LEU B 126 7.98 22.98 -50.37
N ARG B 127 8.08 21.74 -50.83
CA ARG B 127 8.76 21.42 -52.09
C ARG B 127 10.17 21.99 -52.16
N GLU B 128 10.37 22.93 -53.08
CA GLU B 128 11.69 23.50 -53.33
C GLU B 128 11.80 24.90 -52.74
N ASN B 129 10.83 25.27 -51.89
CA ASN B 129 10.79 26.60 -51.33
C ASN B 129 11.41 26.71 -49.94
N ALA B 130 12.04 25.62 -49.49
CA ALA B 130 12.64 25.63 -48.16
C ALA B 130 13.80 24.65 -48.03
N GLU B 131 14.54 24.79 -46.93
CA GLU B 131 15.66 23.92 -46.64
C GLU B 131 15.66 23.51 -45.17
N GLU B 132 16.14 22.31 -44.90
CA GLU B 132 16.23 21.81 -43.52
C GLU B 132 17.44 22.40 -42.81
N ASP B 133 17.24 22.89 -41.59
CA ASP B 133 18.32 23.51 -40.84
C ASP B 133 19.02 22.47 -39.97
N GLY B 134 18.43 21.28 -39.89
CA GLY B 134 19.03 20.18 -39.14
C GLY B 134 18.59 20.12 -37.69
N THR B 135 17.67 20.99 -37.31
CA THR B 135 17.13 21.00 -35.94
C THR B 135 15.63 20.68 -35.93
N GLY B 136 15.13 20.15 -37.04
CA GLY B 136 13.73 19.81 -37.14
C GLY B 136 12.92 20.97 -37.70
N CYS B 137 13.61 21.99 -38.18
CA CYS B 137 12.95 23.17 -38.72
C CYS B 137 13.19 23.33 -40.22
N PHE B 138 12.39 24.18 -40.85
CA PHE B 138 12.55 24.49 -42.25
C PHE B 138 12.81 25.98 -42.43
N GLU B 139 13.92 26.33 -43.06
CA GLU B 139 14.14 27.73 -43.43
C GLU B 139 13.37 28.01 -44.70
N ILE B 140 12.37 28.88 -44.59
CA ILE B 140 11.49 29.21 -45.70
C ILE B 140 12.06 30.42 -46.45
N PHE B 141 12.37 30.22 -47.73
CA PHE B 141 13.07 31.23 -48.52
C PHE B 141 12.10 32.20 -49.22
N HIS B 142 10.99 32.50 -48.55
CA HIS B 142 10.09 33.53 -49.01
C HIS B 142 9.37 34.12 -47.81
N LYS B 143 8.60 35.18 -48.03
CA LYS B 143 7.83 35.77 -46.96
C LYS B 143 6.66 34.89 -46.61
N CYS B 144 6.58 34.48 -45.35
CA CYS B 144 5.49 33.63 -44.89
C CYS B 144 4.85 34.24 -43.66
N ASP B 145 3.78 34.99 -43.87
CA ASP B 145 3.06 35.63 -42.77
C ASP B 145 2.27 34.58 -41.98
N ASP B 146 1.50 35.04 -41.00
CA ASP B 146 0.72 34.14 -40.16
C ASP B 146 -0.28 33.34 -40.98
N ASP B 147 -0.84 33.98 -42.00
CA ASP B 147 -1.79 33.32 -42.89
C ASP B 147 -1.09 32.24 -43.70
N CYS B 148 0.13 32.53 -44.13
CA CYS B 148 0.93 31.55 -44.87
C CYS B 148 1.33 30.38 -43.99
N MET B 149 1.71 30.68 -42.75
CA MET B 149 2.07 29.65 -41.78
C MET B 149 0.88 28.75 -41.48
N ALA B 150 -0.30 29.36 -41.37
CA ALA B 150 -1.52 28.62 -41.11
C ALA B 150 -1.87 27.72 -42.30
N SER B 151 -1.55 28.19 -43.50
CA SER B 151 -1.82 27.44 -44.72
C SER B 151 -1.02 26.13 -44.75
N ILE B 152 0.16 26.17 -44.14
CA ILE B 152 1.02 25.01 -44.04
C ILE B 152 0.44 23.99 -43.05
N ARG B 153 -0.09 24.49 -41.94
CA ARG B 153 -0.61 23.65 -40.87
C ARG B 153 -1.86 22.87 -41.26
N ASN B 154 -2.67 23.44 -42.15
CA ASN B 154 -3.89 22.77 -42.58
C ASN B 154 -3.75 22.22 -44.01
N ASN B 155 -2.51 22.06 -44.46
CA ASN B 155 -2.20 21.48 -45.76
C ASN B 155 -2.89 22.19 -46.93
N THR B 156 -3.00 23.51 -46.86
CA THR B 156 -3.57 24.29 -47.95
C THR B 156 -2.50 25.14 -48.60
N TYR B 157 -1.24 24.81 -48.31
CA TYR B 157 -0.10 25.54 -48.86
C TYR B 157 0.19 25.10 -50.27
N ASP B 158 0.11 26.04 -51.21
CA ASP B 158 0.45 25.77 -52.61
C ASP B 158 1.84 26.32 -52.89
N HIS B 159 2.80 25.42 -53.08
CA HIS B 159 4.19 25.79 -53.29
C HIS B 159 4.42 26.55 -54.59
N SER B 160 3.51 26.35 -55.54
CA SER B 160 3.62 27.00 -56.84
C SER B 160 3.55 28.51 -56.73
N LYS B 161 2.87 28.97 -55.68
CA LYS B 161 2.64 30.40 -55.45
C LYS B 161 3.92 31.13 -55.04
N TYR B 162 4.82 30.44 -54.36
CA TYR B 162 6.01 31.06 -53.81
C TYR B 162 7.30 30.57 -54.46
N ARG B 163 7.16 29.73 -55.48
CA ARG B 163 8.31 29.02 -56.06
C ARG B 163 9.35 29.97 -56.65
N GLU B 164 8.90 30.91 -57.48
CA GLU B 164 9.79 31.91 -58.07
C GLU B 164 10.60 32.65 -57.02
N GLU B 165 9.88 33.27 -56.08
CA GLU B 165 10.48 34.05 -55.01
C GLU B 165 11.47 33.23 -54.19
N ALA B 166 11.15 31.96 -53.97
CA ALA B 166 11.98 31.11 -53.13
C ALA B 166 13.24 30.64 -53.85
N MET B 167 13.07 30.12 -55.06
CA MET B 167 14.21 29.62 -55.83
C MET B 167 15.24 30.73 -56.07
N GLN B 168 14.75 31.95 -56.26
CA GLN B 168 15.62 33.12 -56.42
C GLN B 168 16.50 33.32 -55.18
N ASN B 169 15.85 33.40 -54.02
CA ASN B 169 16.54 33.62 -52.75
C ASN B 169 17.46 32.45 -52.36
N ARG B 170 17.15 31.25 -52.86
CA ARG B 170 17.96 30.08 -52.56
C ARG B 170 19.24 30.06 -53.40
N ILE B 171 19.10 30.34 -54.69
CA ILE B 171 20.22 30.23 -55.63
C ILE B 171 21.21 31.38 -55.43
N GLN B 172 20.71 32.55 -55.03
CA GLN B 172 21.58 33.69 -54.76
C GLN B 172 20.86 34.78 -53.96
N ASP C 1 66.29 11.34 -12.75
CA ASP C 1 64.95 10.75 -12.83
C ASP C 1 64.25 10.79 -11.47
N LYS C 2 62.94 11.04 -11.49
CA LYS C 2 62.20 11.31 -10.28
C LYS C 2 60.75 10.86 -10.38
N ILE C 3 60.21 10.30 -9.30
CA ILE C 3 58.79 9.97 -9.23
C ILE C 3 58.17 10.50 -7.93
N CYS C 4 57.02 11.16 -8.07
CA CYS C 4 56.36 11.78 -6.93
C CYS C 4 54.95 11.25 -6.69
N LEU C 5 54.58 11.13 -5.43
CA LEU C 5 53.23 10.74 -5.04
C LEU C 5 52.42 11.96 -4.64
N GLY C 6 51.19 12.05 -5.11
CA GLY C 6 50.35 13.19 -4.79
C GLY C 6 48.87 12.88 -4.77
N HIS C 7 48.09 13.92 -4.49
CA HIS C 7 46.64 13.81 -4.45
C HIS C 7 46.03 14.99 -5.18
N HIS C 8 44.80 14.82 -5.68
CA HIS C 8 44.16 15.86 -6.48
C HIS C 8 43.67 17.01 -5.60
N ALA C 9 43.36 18.14 -6.24
CA ALA C 9 42.86 19.32 -5.54
C ALA C 9 42.19 20.28 -6.53
N VAL C 10 41.42 21.22 -6.00
CA VAL C 10 40.74 22.22 -6.83
C VAL C 10 40.78 23.60 -6.20
N SER C 11 40.38 24.60 -6.98
CA SER C 11 40.23 25.96 -6.48
C SER C 11 38.78 26.23 -6.09
N ASN C 12 37.89 25.34 -6.50
CA ASN C 12 36.46 25.46 -6.21
C ASN C 12 36.09 24.71 -4.93
N GLY C 13 36.84 24.96 -3.86
CA GLY C 13 36.68 24.22 -2.63
C GLY C 13 35.53 24.68 -1.77
N THR C 14 34.90 23.72 -1.09
CA THR C 14 33.77 24.01 -0.20
C THR C 14 34.14 23.71 1.25
N LYS C 15 33.71 24.58 2.15
CA LYS C 15 34.09 24.49 3.55
C LYS C 15 33.18 23.55 4.34
N VAL C 16 33.78 22.78 5.26
CA VAL C 16 33.04 21.93 6.17
C VAL C 16 33.64 22.07 7.57
N ASN C 17 33.01 21.42 8.54
CA ASN C 17 33.49 21.50 9.93
C ASN C 17 33.85 20.14 10.52
N THR C 18 34.79 20.15 11.44
CA THR C 18 35.20 18.93 12.14
C THR C 18 35.19 19.11 13.65
N LEU C 19 35.75 18.14 14.36
CA LEU C 19 35.93 18.22 15.80
C LEU C 19 36.91 19.33 16.15
N THR C 20 37.86 19.56 15.24
CA THR C 20 38.93 20.52 15.47
C THR C 20 38.68 21.84 14.75
N GLU C 21 38.54 21.76 13.43
CA GLU C 21 38.42 22.97 12.61
C GLU C 21 36.98 23.41 12.37
N ARG C 22 36.82 24.70 12.07
CA ARG C 22 35.54 25.26 11.63
C ARG C 22 35.75 25.96 10.30
N GLY C 23 35.33 25.31 9.22
CA GLY C 23 35.42 25.91 7.89
C GLY C 23 36.61 25.43 7.06
N VAL C 24 37.11 24.24 7.34
CA VAL C 24 38.19 23.67 6.54
C VAL C 24 37.70 23.24 5.16
N GLU C 25 38.40 23.65 4.11
CA GLU C 25 37.97 23.32 2.75
C GLU C 25 38.33 21.89 2.38
N VAL C 26 37.37 21.18 1.77
CA VAL C 26 37.59 19.85 1.23
C VAL C 26 37.26 19.86 -0.26
N VAL C 27 37.55 18.76 -0.94
CA VAL C 27 37.35 18.67 -2.38
C VAL C 27 35.88 18.65 -2.76
N ASN C 28 35.08 17.88 -2.02
CA ASN C 28 33.67 17.72 -2.35
C ASN C 28 32.81 17.49 -1.12
N ALA C 29 31.61 18.07 -1.14
CA ALA C 29 30.67 17.93 -0.04
C ALA C 29 29.22 17.95 -0.53
N THR C 30 28.32 17.45 0.29
CA THR C 30 26.89 17.46 -0.01
C THR C 30 26.11 17.87 1.23
N GLU C 31 24.88 18.30 1.04
CA GLU C 31 24.07 18.75 2.16
C GLU C 31 23.38 17.56 2.84
N THR C 32 23.28 17.63 4.16
CA THR C 32 22.62 16.58 4.94
C THR C 32 21.29 17.11 5.48
N VAL C 33 21.11 18.43 5.41
CA VAL C 33 19.90 19.06 5.93
C VAL C 33 18.96 19.46 4.79
N GLU C 34 17.82 18.79 4.72
CA GLU C 34 16.84 19.08 3.67
C GLU C 34 16.13 20.39 3.93
N ARG C 35 16.08 21.24 2.90
CA ARG C 35 15.35 22.50 2.97
C ARG C 35 14.43 22.67 1.77
N THR C 36 14.46 21.70 0.86
CA THR C 36 13.66 21.78 -0.36
C THR C 36 12.26 21.22 -0.09
N ASN C 37 11.29 22.12 -0.01
CA ASN C 37 9.92 21.75 0.29
C ASN C 37 9.08 21.63 -0.97
N ILE C 38 8.20 20.64 -1.01
CA ILE C 38 7.22 20.53 -2.08
C ILE C 38 5.91 21.08 -1.58
N PRO C 39 5.54 22.30 -2.04
CA PRO C 39 4.33 22.98 -1.56
C PRO C 39 3.04 22.36 -2.06
N ARG C 40 2.99 21.02 -2.06
CA ARG C 40 1.79 20.27 -2.43
C ARG C 40 1.65 19.04 -1.55
N ILE C 41 0.48 18.40 -1.62
CA ILE C 41 0.27 17.14 -0.92
C ILE C 41 0.45 15.96 -1.88
N CYS C 42 1.63 15.34 -1.82
CA CYS C 42 1.93 14.20 -2.67
C CYS C 42 1.16 12.97 -2.19
N SER C 43 0.14 12.59 -2.95
CA SER C 43 -0.83 11.60 -2.50
C SER C 43 -0.87 10.33 -3.36
N LYS C 44 0.03 10.22 -4.34
CA LYS C 44 0.03 9.07 -5.23
C LYS C 44 0.15 7.74 -4.48
N GLY C 45 -0.75 6.82 -4.79
CA GLY C 45 -0.75 5.51 -4.17
C GLY C 45 -1.61 5.49 -2.91
N LYS C 46 -1.95 6.66 -2.41
CA LYS C 46 -2.73 6.77 -1.19
C LYS C 46 -4.15 7.28 -1.45
N ARG C 47 -5.14 6.54 -0.94
CA ARG C 47 -6.53 6.96 -1.01
C ARG C 47 -6.73 8.17 -0.13
N THR C 48 -6.97 9.32 -0.75
CA THR C 48 -6.93 10.60 -0.05
C THR C 48 -8.28 11.30 -0.10
N VAL C 49 -8.70 11.84 1.05
CA VAL C 49 -9.94 12.61 1.13
C VAL C 49 -9.65 14.01 1.66
N ASP C 50 -10.19 15.02 0.99
CA ASP C 50 -9.99 16.40 1.41
C ASP C 50 -11.27 16.93 2.03
N LEU C 51 -11.32 16.91 3.36
CA LEU C 51 -12.54 17.24 4.12
C LEU C 51 -13.08 18.63 3.82
N GLY C 52 -12.18 19.54 3.44
CA GLY C 52 -12.58 20.89 3.07
C GLY C 52 -13.27 21.64 4.20
N GLN C 53 -14.57 21.87 4.03
CA GLN C 53 -15.36 22.59 5.02
C GLN C 53 -15.88 21.65 6.11
N CYS C 54 -15.82 20.35 5.84
CA CYS C 54 -16.21 19.35 6.82
C CYS C 54 -15.13 19.14 7.85
N GLY C 55 -15.48 19.29 9.13
CA GLY C 55 -14.58 18.97 10.21
C GLY C 55 -14.49 17.47 10.38
N LEU C 56 -13.35 16.99 10.88
CA LEU C 56 -13.12 15.56 11.04
C LEU C 56 -14.17 14.93 11.95
N LEU C 57 -14.53 15.65 13.00
CA LEU C 57 -15.53 15.17 13.96
C LEU C 57 -16.94 15.21 13.37
N GLY C 58 -17.12 16.05 12.36
CA GLY C 58 -18.41 16.17 11.69
C GLY C 58 -18.80 14.91 10.95
N THR C 59 -17.82 14.08 10.60
CA THR C 59 -18.08 12.84 9.90
C THR C 59 -18.87 11.85 10.78
N ILE C 60 -18.83 12.07 12.09
CA ILE C 60 -19.50 11.17 13.02
C ILE C 60 -20.93 11.61 13.31
N THR C 61 -21.12 12.91 13.52
CA THR C 61 -22.43 13.47 13.84
C THR C 61 -23.22 13.74 12.57
N GLY C 62 -22.54 14.31 11.58
CA GLY C 62 -23.11 14.54 10.27
C GLY C 62 -23.79 15.87 10.03
N PRO C 63 -23.04 16.98 10.13
CA PRO C 63 -23.58 18.24 9.62
C PRO C 63 -23.68 18.18 8.10
N PRO C 64 -24.38 19.15 7.48
CA PRO C 64 -24.46 19.16 6.01
C PRO C 64 -23.09 19.13 5.32
N GLN C 65 -22.10 19.76 5.93
CA GLN C 65 -20.76 19.84 5.36
C GLN C 65 -20.11 18.47 5.14
N CYS C 66 -20.54 17.49 5.94
CA CYS C 66 -19.86 16.19 5.99
C CYS C 66 -20.74 15.08 5.42
N ASP C 67 -21.77 15.46 4.67
CA ASP C 67 -22.75 14.52 4.14
C ASP C 67 -22.13 13.48 3.19
N GLN C 68 -21.07 13.86 2.50
CA GLN C 68 -20.40 12.97 1.56
C GLN C 68 -19.47 12.00 2.26
N PHE C 69 -19.11 12.32 3.50
CA PHE C 69 -18.06 11.59 4.22
C PHE C 69 -18.59 10.80 5.41
N LEU C 70 -19.90 10.58 5.47
CA LEU C 70 -20.52 9.90 6.61
C LEU C 70 -20.02 8.48 6.77
N GLU C 71 -19.60 7.87 5.68
CA GLU C 71 -19.03 6.53 5.71
C GLU C 71 -17.81 6.49 4.81
N PHE C 72 -17.00 7.54 4.88
CA PHE C 72 -15.87 7.72 4.00
C PHE C 72 -14.76 6.70 4.28
N SER C 73 -13.90 6.49 3.29
CA SER C 73 -12.77 5.59 3.43
C SER C 73 -11.54 6.25 2.85
N ALA C 74 -10.42 6.15 3.56
CA ALA C 74 -9.20 6.83 3.13
C ALA C 74 -7.93 6.27 3.74
N ASP C 75 -6.81 6.55 3.09
CA ASP C 75 -5.50 6.23 3.62
C ASP C 75 -4.90 7.52 4.17
N LEU C 76 -5.21 8.63 3.51
CA LEU C 76 -4.73 9.95 3.93
C LEU C 76 -5.88 10.93 4.09
N ILE C 77 -5.99 11.51 5.28
CA ILE C 77 -7.06 12.46 5.59
C ILE C 77 -6.48 13.87 5.77
N ILE C 78 -7.12 14.86 5.15
CA ILE C 78 -6.62 16.23 5.23
C ILE C 78 -7.66 17.16 5.85
N GLU C 79 -7.29 17.74 7.00
CA GLU C 79 -8.15 18.74 7.62
C GLU C 79 -7.83 20.11 7.03
N ARG C 80 -8.86 20.94 6.91
CA ARG C 80 -8.69 22.28 6.41
C ARG C 80 -9.10 23.29 7.48
N ARG C 81 -8.46 24.46 7.47
CA ARG C 81 -8.72 25.49 8.46
C ARG C 81 -10.18 25.96 8.37
N GLU C 82 -10.72 25.90 7.16
CA GLU C 82 -12.11 26.30 6.93
C GLU C 82 -13.07 25.22 7.42
N GLY C 83 -12.53 24.05 7.71
CA GLY C 83 -13.32 22.93 8.20
C GLY C 83 -14.05 23.23 9.50
N SER C 84 -15.22 22.62 9.67
CA SER C 84 -15.98 22.78 10.89
C SER C 84 -16.69 21.48 11.28
N ASP C 85 -16.63 21.14 12.57
CA ASP C 85 -17.23 19.91 13.08
C ASP C 85 -18.72 20.09 13.34
N VAL C 86 -19.21 21.31 13.11
CA VAL C 86 -20.50 21.71 13.68
C VAL C 86 -21.37 22.53 12.73
N CYS C 87 -22.68 22.28 12.77
CA CYS C 87 -23.66 23.16 12.16
C CYS C 87 -24.36 23.92 13.29
N TYR C 88 -25.09 23.20 14.14
CA TYR C 88 -25.60 23.79 15.37
C TYR C 88 -24.43 23.99 16.32
N PRO C 89 -24.24 25.23 16.79
CA PRO C 89 -23.11 25.64 17.62
C PRO C 89 -22.86 24.74 18.82
N GLY C 90 -21.60 24.37 19.04
CA GLY C 90 -21.23 23.51 20.13
C GLY C 90 -19.83 22.97 19.96
N LYS C 91 -19.43 22.06 20.84
CA LYS C 91 -18.08 21.48 20.77
C LYS C 91 -18.05 20.10 21.43
N PHE C 92 -17.07 19.29 21.04
CA PHE C 92 -16.90 17.97 21.62
C PHE C 92 -16.11 18.06 22.92
N VAL C 93 -16.44 17.17 23.86
CA VAL C 93 -15.63 16.99 25.06
C VAL C 93 -14.52 16.00 24.71
N ASN C 94 -13.28 16.35 25.06
CA ASN C 94 -12.12 15.58 24.67
C ASN C 94 -12.09 15.39 23.15
N GLU C 95 -12.19 16.50 22.44
CA GLU C 95 -12.30 16.52 20.99
C GLU C 95 -11.03 16.03 20.30
N GLU C 96 -9.89 16.49 20.79
CA GLU C 96 -8.61 16.23 20.14
C GLU C 96 -8.27 14.74 20.21
N ALA C 97 -8.61 14.12 21.32
CA ALA C 97 -8.44 12.67 21.49
C ALA C 97 -9.25 11.93 20.43
N LEU C 98 -10.48 12.40 20.21
CA LEU C 98 -11.35 11.78 19.22
C LEU C 98 -10.80 11.98 17.81
N ARG C 99 -10.22 13.14 17.56
CA ARG C 99 -9.62 13.45 16.27
C ARG C 99 -8.47 12.50 15.97
N GLN C 100 -7.59 12.31 16.95
CA GLN C 100 -6.42 11.45 16.80
C GLN C 100 -6.82 10.01 16.51
N ILE C 101 -7.94 9.59 17.08
CA ILE C 101 -8.45 8.24 16.88
C ILE C 101 -8.93 8.06 15.45
N LEU C 102 -9.65 9.07 14.95
CA LEU C 102 -10.24 9.01 13.61
C LEU C 102 -9.18 9.17 12.52
N ARG C 103 -8.11 9.90 12.84
CA ARG C 103 -7.03 10.12 11.87
C ARG C 103 -6.35 8.81 11.51
N GLU C 104 -6.39 7.85 12.44
CA GLU C 104 -5.75 6.56 12.24
C GLU C 104 -6.80 5.45 12.23
N SER C 105 -8.04 5.84 11.95
CA SER C 105 -9.15 4.90 11.93
C SER C 105 -9.22 4.15 10.61
N GLY C 106 -8.73 4.79 9.55
CA GLY C 106 -8.85 4.26 8.21
C GLY C 106 -10.20 4.58 7.60
N GLY C 107 -10.90 5.52 8.23
CA GLY C 107 -12.25 5.87 7.81
C GLY C 107 -13.28 5.26 8.75
N ILE C 108 -14.55 5.47 8.46
CA ILE C 108 -15.61 4.99 9.36
C ILE C 108 -16.70 4.16 8.67
N ASP C 109 -17.16 3.14 9.38
CA ASP C 109 -18.31 2.34 8.96
C ASP C 109 -19.48 2.60 9.90
N LYS C 110 -20.60 3.06 9.36
CA LYS C 110 -21.75 3.39 10.19
C LYS C 110 -22.74 2.23 10.26
N GLU C 111 -23.35 2.05 11.42
CA GLU C 111 -24.36 1.02 11.63
C GLU C 111 -25.45 1.54 12.56
N ALA C 112 -26.70 1.30 12.16
CA ALA C 112 -27.85 1.74 12.95
C ALA C 112 -27.83 1.11 14.34
N MET C 113 -28.29 1.86 15.33
CA MET C 113 -28.33 1.38 16.70
C MET C 113 -29.74 0.90 17.03
N GLY C 114 -30.69 1.29 16.19
CA GLY C 114 -32.05 0.77 16.26
C GLY C 114 -32.89 1.27 17.41
N PHE C 115 -32.93 2.59 17.61
CA PHE C 115 -33.78 3.17 18.64
C PHE C 115 -35.15 3.53 18.08
N THR C 116 -36.19 3.13 18.80
CA THR C 116 -37.57 3.46 18.45
C THR C 116 -38.21 4.23 19.59
N TYR C 117 -39.09 5.17 19.27
CA TYR C 117 -39.64 6.07 20.29
C TYR C 117 -41.17 6.17 20.23
N SER C 118 -41.78 6.41 21.38
CA SER C 118 -43.23 6.59 21.48
C SER C 118 -43.60 7.68 22.47
N GLY C 119 -44.52 8.55 22.08
CA GLY C 119 -45.00 9.62 22.93
C GLY C 119 -44.00 10.76 22.99
N ILE C 120 -43.45 11.11 21.83
CA ILE C 120 -42.28 11.98 21.76
C ILE C 120 -41.99 12.38 20.31
N ARG C 121 -41.52 13.60 20.10
CA ARG C 121 -41.08 14.03 18.77
C ARG C 121 -39.59 13.70 18.55
N THR C 122 -39.24 13.38 17.31
CA THR C 122 -37.86 13.10 16.94
C THR C 122 -37.40 13.98 15.79
N ASN C 123 -38.29 14.86 15.33
CA ASN C 123 -38.06 15.64 14.12
C ASN C 123 -37.46 17.03 14.39
N GLY C 124 -36.73 17.15 15.49
CA GLY C 124 -36.09 18.41 15.84
C GLY C 124 -35.13 18.89 14.76
N ALA C 125 -35.34 20.12 14.30
CA ALA C 125 -34.51 20.68 13.23
C ALA C 125 -34.16 22.14 13.52
N THR C 126 -33.19 22.68 12.79
CA THR C 126 -32.76 24.06 13.00
C THR C 126 -32.32 24.75 11.71
N SER C 127 -32.25 26.07 11.78
CA SER C 127 -31.82 26.90 10.66
C SER C 127 -30.31 26.79 10.44
N ALA C 128 -29.59 26.35 11.47
CA ALA C 128 -28.13 26.27 11.41
C ALA C 128 -27.65 25.05 10.63
N CYS C 129 -28.50 24.03 10.56
CA CYS C 129 -28.17 22.83 9.81
C CYS C 129 -29.05 22.76 8.56
N ARG C 130 -28.96 23.80 7.73
CA ARG C 130 -29.83 23.86 6.56
C ARG C 130 -29.43 22.84 5.51
N ARG C 131 -30.41 22.02 5.15
CA ARG C 131 -30.28 21.01 4.11
C ARG C 131 -31.55 21.05 3.28
N SER C 132 -31.47 21.69 2.13
CA SER C 132 -32.65 22.14 1.38
C SER C 132 -33.43 23.10 2.27
N GLY C 133 -34.15 22.55 3.25
CA GLY C 133 -34.81 23.36 4.25
C GLY C 133 -34.06 23.24 5.56
N SER C 134 -34.70 23.59 6.66
CA SER C 134 -34.11 23.43 7.99
C SER C 134 -33.95 21.94 8.30
N SER C 135 -32.85 21.58 8.93
CA SER C 135 -32.61 20.18 9.27
C SER C 135 -31.75 20.03 10.52
N PHE C 136 -31.08 18.89 10.64
CA PHE C 136 -30.31 18.58 11.83
C PHE C 136 -29.15 17.64 11.47
N TYR C 137 -28.35 17.28 12.47
CA TYR C 137 -27.27 16.32 12.28
C TYR C 137 -27.82 15.00 11.73
N ALA C 138 -27.19 14.53 10.66
CA ALA C 138 -27.71 13.39 9.90
C ALA C 138 -27.70 12.08 10.69
N GLU C 139 -26.78 11.96 11.63
CA GLU C 139 -26.62 10.72 12.38
C GLU C 139 -27.27 10.81 13.75
N MET C 140 -27.88 11.95 14.04
CA MET C 140 -28.43 12.20 15.37
C MET C 140 -29.93 12.44 15.33
N LYS C 141 -30.58 12.30 16.48
CA LYS C 141 -32.00 12.57 16.61
C LYS C 141 -32.26 13.56 17.73
N TRP C 142 -32.92 14.66 17.39
CA TRP C 142 -33.28 15.67 18.38
C TRP C 142 -34.64 15.34 18.96
N LEU C 143 -34.63 14.88 20.22
CA LEU C 143 -35.84 14.44 20.89
C LEU C 143 -36.51 15.60 21.65
N LEU C 144 -37.81 15.78 21.42
CA LEU C 144 -38.57 16.82 22.11
C LEU C 144 -39.70 16.25 22.96
N SER C 145 -40.56 17.12 23.48
CA SER C 145 -41.62 16.68 24.36
C SER C 145 -42.73 16.02 23.56
N ASN C 146 -43.48 16.86 22.81
CA ASN C 146 -44.53 16.40 21.90
C ASN C 146 -45.29 17.59 21.32
N THR C 147 -45.65 18.53 22.19
CA THR C 147 -46.47 19.67 21.81
C THR C 147 -45.77 20.99 22.13
N ASP C 148 -45.56 21.24 23.42
CA ASP C 148 -44.94 22.45 23.96
C ASP C 148 -45.08 22.41 25.48
N ASN C 149 -43.97 22.61 26.19
CA ASN C 149 -43.94 22.57 27.65
C ASN C 149 -44.40 21.24 28.23
N ALA C 150 -44.70 20.29 27.36
CA ALA C 150 -45.16 18.98 27.78
C ALA C 150 -44.04 18.25 28.49
N ALA C 151 -44.40 17.37 29.43
CA ALA C 151 -43.40 16.67 30.19
C ALA C 151 -42.69 15.67 29.31
N PHE C 152 -41.36 15.62 29.40
CA PHE C 152 -40.61 14.64 28.64
C PHE C 152 -40.54 13.37 29.44
N PRO C 153 -41.08 12.27 28.89
CA PRO C 153 -41.12 10.98 29.58
C PRO C 153 -39.72 10.46 29.88
N GLN C 154 -39.53 9.92 31.08
CA GLN C 154 -38.28 9.26 31.42
C GLN C 154 -38.12 8.06 30.51
N MET C 155 -36.95 7.94 29.88
CA MET C 155 -36.69 6.85 28.97
C MET C 155 -35.38 6.14 29.28
N THR C 156 -35.29 4.90 28.83
CA THR C 156 -34.07 4.12 28.98
C THR C 156 -33.82 3.33 27.70
N LYS C 157 -32.78 3.71 26.98
CA LYS C 157 -32.43 3.05 25.73
C LYS C 157 -31.06 2.42 25.83
N SER C 158 -30.94 1.18 25.37
CA SER C 158 -29.68 0.45 25.44
C SER C 158 -29.27 -0.08 24.07
N TYR C 159 -27.98 -0.35 23.92
CA TYR C 159 -27.44 -0.88 22.67
C TYR C 159 -26.23 -1.76 22.95
N LYS C 160 -26.23 -2.96 22.40
CA LYS C 160 -25.09 -3.87 22.55
C LYS C 160 -24.29 -3.92 21.26
N ASN C 161 -22.97 -3.88 21.39
CA ASN C 161 -22.07 -4.00 20.24
C ASN C 161 -21.87 -5.46 19.89
N THR C 162 -22.57 -5.92 18.86
CA THR C 162 -22.53 -7.33 18.46
C THR C 162 -21.37 -7.59 17.50
N ARG C 163 -20.47 -6.63 17.39
CA ARG C 163 -19.34 -6.77 16.47
C ARG C 163 -18.04 -7.04 17.20
N LYS C 164 -16.97 -7.25 16.43
CA LYS C 164 -15.68 -7.64 16.98
C LYS C 164 -14.75 -6.45 17.14
N SER C 165 -15.22 -5.29 16.68
CA SER C 165 -14.48 -4.04 16.81
C SER C 165 -15.14 -3.14 17.85
N PRO C 166 -14.36 -2.22 18.44
CA PRO C 166 -14.96 -1.26 19.37
C PRO C 166 -15.94 -0.33 18.66
N ALA C 167 -17.02 0.04 19.33
CA ALA C 167 -18.02 0.91 18.72
C ALA C 167 -17.84 2.34 19.20
N LEU C 168 -17.86 3.28 18.25
CA LEU C 168 -17.74 4.70 18.59
C LEU C 168 -19.13 5.28 18.78
N ILE C 169 -19.42 5.67 20.02
CA ILE C 169 -20.76 6.12 20.38
C ILE C 169 -20.77 7.61 20.71
N VAL C 170 -21.69 8.35 20.11
CA VAL C 170 -21.80 9.79 20.37
C VAL C 170 -23.21 10.20 20.79
N TRP C 171 -23.31 11.02 21.83
CA TRP C 171 -24.58 11.60 22.21
C TRP C 171 -24.37 13.07 22.54
N GLY C 172 -25.44 13.85 22.57
CA GLY C 172 -25.32 15.28 22.79
C GLY C 172 -26.24 15.79 23.88
N ILE C 173 -25.77 16.80 24.61
CA ILE C 173 -26.58 17.48 25.60
C ILE C 173 -26.92 18.87 25.08
N HIS C 174 -28.19 19.23 25.09
CA HIS C 174 -28.62 20.50 24.53
C HIS C 174 -28.73 21.57 25.61
N HIS C 175 -28.05 22.68 25.38
CA HIS C 175 -28.12 23.81 26.30
C HIS C 175 -28.92 24.95 25.67
N SER C 176 -30.15 25.11 26.15
CA SER C 176 -31.06 26.11 25.60
C SER C 176 -30.64 27.51 26.03
N VAL C 177 -31.22 28.53 25.40
CA VAL C 177 -30.85 29.91 25.66
C VAL C 177 -31.42 30.38 27.01
N SER C 178 -32.46 29.69 27.47
CA SER C 178 -33.11 30.04 28.74
C SER C 178 -33.78 28.82 29.35
N THR C 179 -34.14 28.93 30.62
CA THR C 179 -34.90 27.88 31.28
C THR C 179 -36.30 27.83 30.68
N ALA C 180 -36.69 28.94 30.07
CA ALA C 180 -37.96 29.03 29.36
C ALA C 180 -37.94 28.16 28.11
N GLU C 181 -36.84 28.25 27.35
CA GLU C 181 -36.72 27.50 26.10
C GLU C 181 -36.52 26.01 26.38
N GLN C 182 -35.81 25.70 27.46
CA GLN C 182 -35.61 24.31 27.86
C GLN C 182 -36.93 23.67 28.27
N THR C 183 -37.75 24.43 28.98
CA THR C 183 -39.05 23.94 29.45
C THR C 183 -40.01 23.78 28.27
N LYS C 184 -39.94 24.72 27.33
CA LYS C 184 -40.76 24.67 26.12
C LYS C 184 -40.53 23.41 25.32
N LEU C 185 -39.31 22.89 25.39
CA LEU C 185 -38.92 21.72 24.60
C LEU C 185 -39.02 20.41 25.37
N TYR C 186 -38.63 20.41 26.64
CA TYR C 186 -38.53 19.17 27.39
C TYR C 186 -39.34 19.18 28.69
N GLY C 187 -40.04 20.29 28.95
CA GLY C 187 -40.85 20.40 30.14
C GLY C 187 -40.12 20.99 31.33
N SER C 188 -40.86 21.28 32.38
CA SER C 188 -40.30 21.91 33.58
C SER C 188 -39.42 20.94 34.36
N GLY C 189 -38.90 21.41 35.49
CA GLY C 189 -38.11 20.56 36.37
C GLY C 189 -36.70 20.35 35.85
N ASN C 190 -35.80 19.92 36.72
CA ASN C 190 -34.42 19.66 36.33
C ASN C 190 -34.34 18.42 35.44
N LYS C 191 -33.35 18.39 34.57
CA LYS C 191 -33.21 17.32 33.59
C LYS C 191 -31.93 16.55 33.84
N LEU C 192 -31.97 15.24 33.68
CA LEU C 192 -30.78 14.42 33.93
C LEU C 192 -30.54 13.44 32.78
N VAL C 193 -29.27 13.24 32.44
CA VAL C 193 -28.89 12.24 31.46
C VAL C 193 -27.75 11.38 32.00
N THR C 194 -27.96 10.08 32.10
CA THR C 194 -26.93 9.17 32.58
C THR C 194 -26.52 8.18 31.50
N VAL C 195 -25.24 7.86 31.45
CA VAL C 195 -24.70 6.93 30.46
C VAL C 195 -23.92 5.83 31.16
N GLY C 196 -24.40 4.59 31.04
CA GLY C 196 -23.77 3.47 31.73
C GLY C 196 -23.17 2.44 30.79
N SER C 197 -21.95 2.03 31.10
CA SER C 197 -21.26 1.00 30.32
C SER C 197 -20.67 -0.05 31.27
N SER C 198 -19.63 -0.74 30.82
CA SER C 198 -18.95 -1.73 31.66
C SER C 198 -17.51 -1.29 31.93
N ASN C 199 -17.23 -0.03 31.63
CA ASN C 199 -15.93 0.58 31.89
C ASN C 199 -16.09 2.09 31.83
N TYR C 200 -17.33 2.54 31.86
CA TYR C 200 -17.66 3.95 31.74
C TYR C 200 -18.90 4.28 32.56
N GLN C 201 -18.83 5.38 33.30
CA GLN C 201 -19.96 5.87 34.06
C GLN C 201 -19.86 7.39 34.21
N GLN C 202 -20.85 8.09 33.66
CA GLN C 202 -20.86 9.55 33.68
C GLN C 202 -22.30 10.03 33.84
N SER C 203 -22.45 11.33 34.08
CA SER C 203 -23.77 11.92 34.22
C SER C 203 -23.80 13.33 33.65
N PHE C 204 -25.00 13.78 33.24
CA PHE C 204 -25.12 15.08 32.60
C PHE C 204 -26.40 15.80 32.99
N VAL C 205 -26.25 17.09 33.27
CA VAL C 205 -27.36 17.98 33.56
C VAL C 205 -27.22 19.18 32.63
N PRO C 206 -28.32 19.62 32.00
CA PRO C 206 -28.21 20.73 31.06
C PRO C 206 -28.01 22.06 31.76
N SER C 207 -27.51 23.04 31.02
CA SER C 207 -27.24 24.36 31.58
C SER C 207 -27.75 25.46 30.66
N PRO C 208 -29.06 25.73 30.72
CA PRO C 208 -29.65 26.80 29.91
C PRO C 208 -29.15 28.17 30.36
N GLY C 209 -28.91 29.06 29.41
CA GLY C 209 -28.40 30.38 29.73
C GLY C 209 -28.00 31.16 28.49
N ALA C 210 -28.00 32.49 28.61
CA ALA C 210 -27.68 33.35 27.47
C ALA C 210 -26.22 33.16 27.06
N ARG C 211 -26.01 33.05 25.76
CA ARG C 211 -24.67 32.85 25.20
C ARG C 211 -24.50 33.67 23.92
N PRO C 212 -23.23 33.92 23.54
CA PRO C 212 -22.99 34.67 22.30
C PRO C 212 -23.62 33.99 21.10
N GLN C 213 -24.17 34.77 20.18
CA GLN C 213 -24.80 34.19 18.99
C GLN C 213 -23.78 33.60 18.04
N VAL C 214 -23.91 32.31 17.77
CA VAL C 214 -23.13 31.64 16.74
C VAL C 214 -24.09 31.08 15.71
N ASN C 215 -23.89 31.46 14.44
CA ASN C 215 -24.80 31.12 13.36
C ASN C 215 -26.21 31.63 13.65
N GLY C 216 -26.30 32.72 14.42
CA GLY C 216 -27.57 33.30 14.79
C GLY C 216 -28.21 32.65 16.00
N LEU C 217 -27.55 31.63 16.54
CA LEU C 217 -28.10 30.87 17.66
C LEU C 217 -27.29 31.06 18.94
N SER C 218 -28.00 31.15 20.06
CA SER C 218 -27.37 31.33 21.35
C SER C 218 -27.39 30.03 22.15
N GLY C 219 -27.89 28.97 21.53
CA GLY C 219 -27.92 27.67 22.17
C GLY C 219 -26.67 26.88 21.85
N ARG C 220 -26.36 25.89 22.67
CA ARG C 220 -25.17 25.06 22.47
C ARG C 220 -25.48 23.59 22.64
N ILE C 221 -24.89 22.76 21.77
CA ILE C 221 -24.90 21.32 21.96
C ILE C 221 -23.48 20.82 22.15
N ASP C 222 -23.17 20.29 23.32
CA ASP C 222 -21.87 19.68 23.53
C ASP C 222 -21.97 18.17 23.39
N PHE C 223 -21.13 17.61 22.53
CA PHE C 223 -21.18 16.19 22.25
C PHE C 223 -20.25 15.40 23.15
N HIS C 224 -20.68 14.21 23.52
CA HIS C 224 -19.84 13.32 24.32
C HIS C 224 -19.73 11.99 23.60
N TRP C 225 -18.63 11.29 23.83
CA TRP C 225 -18.38 10.05 23.13
C TRP C 225 -17.67 9.03 24.00
N LEU C 226 -17.85 7.75 23.66
CA LEU C 226 -17.13 6.67 24.29
C LEU C 226 -16.89 5.55 23.28
N MET C 227 -15.95 4.67 23.57
CA MET C 227 -15.75 3.49 22.75
C MET C 227 -16.36 2.27 23.44
N LEU C 228 -17.24 1.59 22.74
CA LEU C 228 -17.93 0.43 23.31
C LEU C 228 -17.20 -0.86 22.98
N ASN C 229 -16.79 -1.58 24.03
CA ASN C 229 -16.13 -2.86 23.86
C ASN C 229 -17.09 -3.87 23.22
N PRO C 230 -16.53 -4.86 22.51
CA PRO C 230 -17.33 -5.93 21.91
C PRO C 230 -18.23 -6.61 22.94
N ASN C 231 -19.47 -6.91 22.56
CA ASN C 231 -20.42 -7.63 23.42
C ASN C 231 -20.82 -6.84 24.68
N ASP C 232 -20.24 -5.67 24.87
CA ASP C 232 -20.60 -4.79 25.97
C ASP C 232 -21.80 -3.92 25.57
N THR C 233 -22.45 -3.32 26.57
CA THR C 233 -23.68 -2.57 26.33
C THR C 233 -23.61 -1.16 26.92
N VAL C 234 -24.14 -0.18 26.18
CA VAL C 234 -24.34 1.16 26.71
C VAL C 234 -25.82 1.38 27.00
N THR C 235 -26.12 2.07 28.10
CA THR C 235 -27.50 2.38 28.44
C THR C 235 -27.66 3.88 28.65
N PHE C 236 -28.68 4.46 28.01
CA PHE C 236 -28.96 5.89 28.14
C PHE C 236 -30.22 6.12 28.95
N SER C 237 -30.08 6.76 30.11
CA SER C 237 -31.23 7.14 30.91
C SER C 237 -31.31 8.66 30.91
N PHE C 238 -32.45 9.19 30.50
CA PHE C 238 -32.61 10.63 30.29
C PHE C 238 -34.07 11.05 30.39
N ASN C 239 -34.29 12.36 30.45
CA ASN C 239 -35.63 12.92 30.55
C ASN C 239 -35.75 14.27 29.85
N GLY C 240 -34.86 14.52 28.89
CA GLY C 240 -34.91 15.74 28.12
C GLY C 240 -33.55 16.32 27.81
N ALA C 241 -33.51 17.30 26.92
CA ALA C 241 -32.28 17.98 26.53
C ALA C 241 -31.21 16.99 26.05
N PHE C 242 -31.66 15.87 25.49
CA PHE C 242 -30.78 14.80 25.08
C PHE C 242 -30.76 14.65 23.57
N ILE C 243 -29.57 14.66 22.98
CA ILE C 243 -29.42 14.43 21.55
C ILE C 243 -29.01 12.98 21.32
N ALA C 244 -29.97 12.19 20.84
CA ALA C 244 -29.77 10.75 20.72
C ALA C 244 -29.07 10.39 19.42
N PRO C 245 -28.23 9.35 19.47
CA PRO C 245 -27.59 8.81 18.27
C PRO C 245 -28.53 7.89 17.51
N ASP C 246 -28.42 7.88 16.19
CA ASP C 246 -29.21 6.98 15.36
C ASP C 246 -28.35 5.80 14.93
N ARG C 247 -27.08 6.09 14.67
CA ARG C 247 -26.14 5.08 14.20
C ARG C 247 -24.83 5.15 14.97
N ALA C 248 -24.13 4.02 15.06
CA ALA C 248 -22.82 3.97 15.69
C ALA C 248 -21.74 3.98 14.60
N SER C 249 -20.51 4.24 15.00
CA SER C 249 -19.41 4.33 14.05
C SER C 249 -18.38 3.24 14.31
N PHE C 250 -17.82 2.69 13.23
CA PHE C 250 -16.77 1.69 13.34
C PHE C 250 -15.56 2.06 12.50
N LEU C 251 -14.38 1.88 13.08
CA LEU C 251 -13.14 2.27 12.42
C LEU C 251 -12.82 1.24 11.34
N ARG C 252 -12.45 1.72 10.15
CA ARG C 252 -12.24 0.84 9.01
C ARG C 252 -10.93 0.07 9.13
N GLY C 253 -9.85 0.77 9.44
CA GLY C 253 -8.55 0.13 9.57
C GLY C 253 -7.43 1.05 10.03
N LYS C 254 -6.62 1.49 9.08
CA LYS C 254 -5.44 2.29 9.40
C LYS C 254 -5.31 3.44 8.40
N SER C 255 -4.94 4.61 8.89
CA SER C 255 -4.73 5.79 8.04
C SER C 255 -3.89 6.85 8.74
N MET C 256 -3.70 7.98 8.08
CA MET C 256 -2.99 9.11 8.68
C MET C 256 -3.66 10.43 8.30
N GLY C 257 -3.79 11.32 9.28
CA GLY C 257 -4.42 12.61 9.06
C GLY C 257 -3.44 13.75 9.19
N ILE C 258 -3.64 14.80 8.38
CA ILE C 258 -2.80 16.00 8.44
C ILE C 258 -3.62 17.28 8.41
N GLN C 259 -2.97 18.37 8.81
CA GLN C 259 -3.54 19.70 8.66
C GLN C 259 -2.71 20.45 7.64
N SER C 260 -3.35 20.96 6.59
CA SER C 260 -2.62 21.58 5.49
C SER C 260 -3.33 22.78 4.91
N GLY C 261 -2.56 23.62 4.21
CA GLY C 261 -3.10 24.77 3.51
C GLY C 261 -2.63 24.80 2.08
N VAL C 262 -2.27 23.62 1.55
CA VAL C 262 -1.81 23.52 0.17
C VAL C 262 -2.54 22.39 -0.57
N GLN C 263 -2.56 22.49 -1.90
CA GLN C 263 -3.36 21.59 -2.73
C GLN C 263 -2.86 20.15 -2.73
N VAL C 264 -3.60 19.28 -3.40
CA VAL C 264 -3.28 17.86 -3.45
C VAL C 264 -2.69 17.47 -4.81
N ASP C 265 -1.78 16.51 -4.80
CA ASP C 265 -1.19 15.99 -6.03
C ASP C 265 -1.19 14.47 -5.96
N ALA C 266 -1.87 13.84 -6.91
CA ALA C 266 -1.98 12.39 -6.92
C ALA C 266 -0.92 11.79 -7.82
N ASN C 267 0.02 12.63 -8.23
CA ASN C 267 1.13 12.21 -9.06
C ASN C 267 2.39 11.98 -8.23
N CYS C 268 2.71 12.94 -7.37
CA CYS C 268 3.83 12.79 -6.45
C CYS C 268 3.55 11.77 -5.34
N GLU C 269 4.57 10.98 -4.99
CA GLU C 269 4.44 10.03 -3.89
C GLU C 269 5.37 10.39 -2.74
N GLY C 270 4.81 10.61 -1.56
CA GLY C 270 5.58 10.98 -0.39
C GLY C 270 5.19 10.20 0.85
N ASP C 271 5.88 10.46 1.96
CA ASP C 271 5.61 9.77 3.21
C ASP C 271 5.93 10.66 4.42
N CYS C 272 6.26 11.92 4.16
CA CYS C 272 6.47 12.90 5.22
C CYS C 272 5.72 14.19 4.90
N TYR C 273 4.80 14.58 5.76
CA TYR C 273 3.93 15.72 5.49
C TYR C 273 4.04 16.82 6.55
N HIS C 274 3.68 18.03 6.15
CA HIS C 274 3.53 19.17 7.07
C HIS C 274 2.53 20.15 6.50
N SER C 275 2.24 21.20 7.26
CA SER C 275 1.21 22.18 6.89
C SER C 275 1.54 22.94 5.61
N GLY C 276 2.80 22.93 5.21
CA GLY C 276 3.25 23.66 4.05
C GLY C 276 3.40 22.81 2.80
N GLY C 277 3.24 21.49 2.97
CA GLY C 277 3.34 20.58 1.84
C GLY C 277 4.02 19.26 2.17
N THR C 278 4.78 18.74 1.20
CA THR C 278 5.42 17.43 1.35
C THR C 278 6.94 17.53 1.29
N ILE C 279 7.62 16.78 2.15
CA ILE C 279 9.08 16.70 2.14
C ILE C 279 9.56 15.33 1.66
N ILE C 280 10.18 15.30 0.49
CA ILE C 280 10.77 14.07 -0.03
C ILE C 280 12.30 14.18 -0.08
N SER C 281 12.97 13.30 0.67
CA SER C 281 14.42 13.40 0.81
C SER C 281 15.01 12.13 1.40
N ASN C 282 16.21 11.78 0.94
CA ASN C 282 16.96 10.67 1.51
C ASN C 282 17.89 11.16 2.61
N LEU C 283 17.92 12.48 2.78
CA LEU C 283 18.77 13.10 3.79
C LEU C 283 18.28 12.73 5.18
N PRO C 284 19.20 12.60 6.14
CA PRO C 284 18.85 12.20 7.50
C PRO C 284 18.08 13.28 8.25
N PHE C 285 18.29 14.54 7.89
CA PHE C 285 17.70 15.64 8.65
C PHE C 285 17.00 16.67 7.76
N GLN C 286 16.19 17.52 8.39
CA GLN C 286 15.47 18.59 7.72
C GLN C 286 15.27 19.77 8.65
N ASN C 287 15.11 20.96 8.09
CA ASN C 287 14.93 22.18 8.87
C ASN C 287 13.70 22.97 8.44
N ILE C 288 12.71 22.28 7.90
CA ILE C 288 11.54 22.95 7.36
C ILE C 288 10.42 23.11 8.39
N ASP C 289 10.03 22.02 9.04
CA ASP C 289 8.99 22.08 10.06
C ASP C 289 9.18 20.98 11.10
N SER C 290 9.24 21.38 12.37
CA SER C 290 9.49 20.46 13.46
C SER C 290 8.29 19.55 13.73
N ARG C 291 7.11 20.00 13.34
CA ARG C 291 5.89 19.24 13.59
C ARG C 291 5.53 18.40 12.38
N ALA C 292 6.50 18.18 11.50
CA ALA C 292 6.31 17.32 10.35
C ALA C 292 5.98 15.91 10.83
N VAL C 293 5.07 15.25 10.12
CA VAL C 293 4.60 13.93 10.55
C VAL C 293 4.71 12.91 9.42
N GLY C 294 4.64 11.64 9.79
CA GLY C 294 4.82 10.55 8.86
C GLY C 294 6.19 9.91 9.01
N LYS C 295 6.72 9.37 7.92
CA LYS C 295 8.07 8.83 7.92
C LYS C 295 9.01 9.91 7.39
N CYS C 296 9.70 10.58 8.31
CA CYS C 296 10.42 11.80 7.98
C CYS C 296 11.87 11.79 8.43
N PRO C 297 12.71 12.61 7.79
CA PRO C 297 14.02 12.88 8.37
C PRO C 297 13.85 13.65 9.68
N ARG C 298 14.78 13.49 10.61
CA ARG C 298 14.65 14.13 11.91
C ARG C 298 14.83 15.64 11.76
N TYR C 299 14.00 16.42 12.45
CA TYR C 299 14.12 17.87 12.37
C TYR C 299 15.29 18.36 13.22
N VAL C 300 16.05 19.31 12.69
CA VAL C 300 17.15 19.91 13.43
C VAL C 300 17.10 21.44 13.31
N LYS C 301 17.77 22.12 14.25
CA LYS C 301 17.77 23.59 14.28
C LYS C 301 18.50 24.22 13.10
N GLN C 302 19.57 23.58 12.65
CA GLN C 302 20.43 24.16 11.62
C GLN C 302 19.82 24.02 10.24
N ARG C 303 20.05 25.01 9.39
CA ARG C 303 19.54 25.01 8.03
C ARG C 303 20.48 24.26 7.09
N SER C 304 21.73 24.10 7.53
CA SER C 304 22.73 23.47 6.68
C SER C 304 23.81 22.72 7.47
N LEU C 305 24.03 21.47 7.11
CA LEU C 305 25.13 20.67 7.63
C LEU C 305 25.76 19.87 6.50
N LEU C 306 26.91 20.32 6.03
CA LEU C 306 27.56 19.73 4.86
C LEU C 306 28.41 18.52 5.22
N LEU C 307 28.23 17.44 4.48
CA LEU C 307 29.03 16.23 4.68
C LEU C 307 30.11 16.12 3.62
N ALA C 308 31.37 16.15 4.05
CA ALA C 308 32.50 16.07 3.15
C ALA C 308 32.51 14.74 2.39
N THR C 309 32.53 14.83 1.06
CA THR C 309 32.56 13.65 0.22
C THR C 309 33.87 13.57 -0.56
N GLY C 310 34.85 14.36 -0.12
CA GLY C 310 36.17 14.39 -0.74
C GLY C 310 37.23 14.74 0.28
N MET C 311 38.49 14.54 -0.10
CA MET C 311 39.61 14.77 0.81
C MET C 311 39.79 16.25 1.09
N LYS C 312 40.64 16.57 2.06
CA LYS C 312 40.98 17.95 2.37
C LYS C 312 41.61 18.61 1.15
N ASN C 313 41.12 19.80 0.81
CA ASN C 313 41.60 20.47 -0.40
C ASN C 313 42.83 21.32 -0.11
N VAL C 314 43.94 20.97 -0.75
CA VAL C 314 45.17 21.72 -0.63
C VAL C 314 45.61 22.23 -2.00
N PRO C 315 45.52 23.55 -2.21
CA PRO C 315 45.83 24.15 -3.51
C PRO C 315 47.30 23.97 -3.90
N GLU C 316 47.54 23.80 -5.19
CA GLU C 316 48.88 23.58 -5.71
C GLU C 316 49.72 24.85 -5.60
N ILE C 317 51.00 24.69 -5.26
CA ILE C 317 51.89 25.84 -5.16
C ILE C 317 52.23 26.38 -6.54
N PRO C 318 51.80 27.63 -6.81
CA PRO C 318 51.98 28.26 -8.13
C PRO C 318 53.35 28.91 -8.30
N GLY D 4 61.22 24.74 -12.82
CA GLY D 4 60.43 23.69 -13.45
C GLY D 4 60.49 22.39 -12.68
N ALA D 5 60.58 22.51 -11.35
CA ALA D 5 60.64 21.33 -10.50
C ALA D 5 59.25 20.74 -10.30
N ILE D 6 59.19 19.47 -9.94
CA ILE D 6 57.91 18.85 -9.61
C ILE D 6 57.85 18.53 -8.13
N ALA D 7 56.65 18.47 -7.58
CA ALA D 7 56.46 18.15 -6.17
C ALA D 7 55.21 17.29 -5.99
N GLY D 8 55.22 16.46 -4.96
CA GLY D 8 54.09 15.61 -4.65
C GLY D 8 53.31 16.14 -3.47
N PHE D 9 52.65 15.25 -2.74
CA PHE D 9 51.94 15.62 -1.51
C PHE D 9 52.94 16.16 -0.48
N ILE D 10 52.43 16.56 0.69
CA ILE D 10 53.16 17.38 1.67
C ILE D 10 53.30 18.79 1.11
N GLU D 11 52.48 19.70 1.63
CA GLU D 11 52.34 21.05 1.09
C GLU D 11 52.07 21.04 -0.41
N ASN D 12 50.80 20.78 -0.74
CA ASN D 12 50.09 21.05 -2.01
C ASN D 12 49.64 19.77 -2.72
N GLY D 13 48.49 19.86 -3.37
CA GLY D 13 47.95 18.81 -4.21
C GLY D 13 48.11 19.20 -5.67
N TRP D 14 47.50 18.44 -6.56
CA TRP D 14 47.65 18.70 -7.99
C TRP D 14 46.31 19.08 -8.62
N GLU D 15 46.18 20.35 -9.01
CA GLU D 15 44.94 20.83 -9.61
C GLU D 15 44.82 20.38 -11.06
N GLY D 16 45.85 19.69 -11.54
CA GLY D 16 45.86 19.14 -12.88
C GLY D 16 45.43 17.69 -12.85
N LEU D 17 45.52 17.07 -11.68
CA LEU D 17 45.06 15.71 -11.50
C LEU D 17 43.53 15.66 -11.54
N ILE D 18 42.98 15.41 -12.73
CA ILE D 18 41.56 15.52 -12.96
C ILE D 18 40.88 14.21 -13.37
N ASP D 19 41.65 13.11 -13.36
CA ASP D 19 41.07 11.80 -13.69
C ASP D 19 41.17 10.84 -12.53
N GLY D 20 41.52 11.36 -11.36
CA GLY D 20 41.65 10.55 -10.16
C GLY D 20 41.91 11.40 -8.93
N TRP D 21 41.84 10.77 -7.76
CA TRP D 21 42.10 11.46 -6.51
C TRP D 21 43.59 11.40 -6.17
N TYR D 22 44.19 10.24 -6.40
CA TYR D 22 45.62 10.04 -6.19
C TYR D 22 46.28 9.77 -7.54
N GLY D 23 47.55 10.12 -7.66
CA GLY D 23 48.23 9.93 -8.93
C GLY D 23 49.74 9.97 -8.90
N PHE D 24 50.34 9.74 -10.06
CA PHE D 24 51.79 9.76 -10.21
C PHE D 24 52.21 10.95 -11.05
N ARG D 25 53.34 11.55 -10.69
CA ARG D 25 53.92 12.60 -11.51
C ARG D 25 55.43 12.39 -11.59
N HIS D 26 55.93 12.19 -12.80
CA HIS D 26 57.32 11.83 -13.00
C HIS D 26 58.02 12.84 -13.90
N GLN D 27 59.35 12.80 -13.89
CA GLN D 27 60.14 13.54 -14.87
C GLN D 27 61.38 12.76 -15.27
N ASN D 28 61.56 12.61 -16.58
CA ASN D 28 62.72 11.94 -17.14
C ASN D 28 63.19 12.66 -18.40
N ALA D 29 64.00 11.99 -19.19
CA ALA D 29 64.46 12.54 -20.46
C ALA D 29 63.30 12.78 -21.41
N GLN D 30 62.26 11.96 -21.29
CA GLN D 30 61.08 12.08 -22.14
C GLN D 30 60.24 13.30 -21.77
N GLY D 31 60.55 13.90 -20.62
CA GLY D 31 59.83 15.07 -20.16
C GLY D 31 59.04 14.80 -18.90
N GLU D 32 57.93 15.52 -18.74
CA GLU D 32 57.11 15.41 -17.54
C GLU D 32 55.74 14.79 -17.86
N GLY D 33 55.20 14.03 -16.92
CA GLY D 33 53.91 13.41 -17.09
C GLY D 33 53.19 13.15 -15.79
N THR D 34 51.86 13.03 -15.85
CA THR D 34 51.04 12.80 -14.66
C THR D 34 49.90 11.82 -14.93
N ALA D 35 49.81 10.76 -14.13
CA ALA D 35 48.77 9.75 -14.29
C ALA D 35 48.20 9.33 -12.93
N ALA D 36 46.93 8.95 -12.91
CA ALA D 36 46.24 8.61 -11.67
C ALA D 36 46.27 7.12 -11.33
N ASP D 37 46.34 6.82 -10.04
CA ASP D 37 46.29 5.44 -9.56
C ASP D 37 44.85 5.05 -9.23
N TYR D 38 44.41 3.92 -9.78
CA TYR D 38 43.01 3.50 -9.65
C TYR D 38 42.68 2.93 -8.28
N LYS D 39 43.46 1.94 -7.85
CA LYS D 39 43.19 1.18 -6.64
C LYS D 39 43.11 2.08 -5.41
N SER D 40 43.97 3.09 -5.33
CA SER D 40 43.97 4.02 -4.22
C SER D 40 42.79 4.98 -4.28
N THR D 41 42.51 5.47 -5.49
CA THR D 41 41.39 6.38 -5.70
C THR D 41 40.06 5.67 -5.48
N GLN D 42 39.97 4.43 -5.99
CA GLN D 42 38.74 3.67 -5.89
C GLN D 42 38.47 3.27 -4.44
N SER D 43 39.54 3.04 -3.69
CA SER D 43 39.42 2.71 -2.26
C SER D 43 38.75 3.84 -1.48
N ALA D 44 39.25 5.06 -1.68
CA ALA D 44 38.71 6.23 -0.99
C ALA D 44 37.27 6.49 -1.41
N ILE D 45 37.00 6.30 -2.70
CA ILE D 45 35.66 6.49 -3.24
C ILE D 45 34.68 5.44 -2.70
N ASP D 46 35.12 4.19 -2.57
CA ASP D 46 34.27 3.14 -2.04
C ASP D 46 33.89 3.42 -0.58
N GLN D 47 34.82 4.01 0.17
CA GLN D 47 34.57 4.32 1.57
C GLN D 47 33.63 5.51 1.75
N ILE D 48 33.82 6.53 0.91
CA ILE D 48 32.98 7.72 0.96
C ILE D 48 31.56 7.38 0.52
N THR D 49 31.44 6.59 -0.55
CA THR D 49 30.14 6.11 -0.99
C THR D 49 29.54 5.20 0.06
N GLY D 50 30.41 4.53 0.81
CA GLY D 50 29.98 3.67 1.90
C GLY D 50 29.33 4.45 3.03
N LYS D 51 29.85 5.63 3.34
CA LYS D 51 29.27 6.49 4.36
C LYS D 51 27.91 7.03 3.96
N LEU D 52 27.80 7.47 2.71
CA LEU D 52 26.57 8.05 2.19
C LEU D 52 25.41 7.08 2.26
N ASN D 53 25.66 5.85 1.83
CA ASN D 53 24.65 4.81 1.82
C ASN D 53 24.13 4.47 3.22
N ARG D 54 25.02 4.52 4.21
CA ARG D 54 24.63 4.25 5.59
C ARG D 54 23.67 5.33 6.10
N LEU D 55 23.86 6.56 5.63
CA LEU D 55 23.05 7.70 6.09
C LEU D 55 21.83 7.89 5.19
N ILE D 56 21.67 6.99 4.22
CA ILE D 56 20.53 7.02 3.33
C ILE D 56 19.52 5.99 3.83
N GLU D 57 20.01 5.06 4.62
CA GLU D 57 19.21 4.02 5.27
C GLU D 57 18.03 4.62 6.02
N LYS D 58 16.87 4.67 5.36
CA LYS D 58 15.70 5.34 5.93
C LYS D 58 15.08 4.59 7.10
N THR D 59 14.34 5.33 7.92
CA THR D 59 13.62 4.77 9.05
C THR D 59 12.19 4.42 8.68
N ASN D 60 11.67 3.34 9.26
CA ASN D 60 10.29 2.94 9.02
C ASN D 60 9.36 3.43 10.13
N GLN D 61 9.90 4.22 11.05
CA GLN D 61 9.08 4.77 12.12
C GLN D 61 8.24 5.94 11.62
N GLN D 62 6.93 5.80 11.73
CA GLN D 62 6.00 6.86 11.37
C GLN D 62 5.45 7.53 12.61
N PHE D 63 5.35 8.86 12.57
CA PHE D 63 4.76 9.60 13.68
C PHE D 63 3.52 10.34 13.21
N GLU D 64 2.54 10.45 14.10
CA GLU D 64 1.28 11.10 13.76
C GLU D 64 1.10 12.36 14.60
N LEU D 65 0.11 13.17 14.23
CA LEU D 65 -0.15 14.43 14.91
C LEU D 65 -0.45 14.21 16.38
N ILE D 66 0.15 15.02 17.23
CA ILE D 66 -0.03 14.90 18.68
C ILE D 66 -0.58 16.19 19.25
N ASP D 67 -0.56 17.24 18.43
CA ASP D 67 -1.19 18.50 18.79
C ASP D 67 -1.93 19.08 17.58
N ASN D 68 -2.27 20.35 17.65
CA ASN D 68 -3.14 20.96 16.64
C ASN D 68 -2.79 22.42 16.40
N GLU D 69 -2.62 22.78 15.13
CA GLU D 69 -2.27 24.15 14.78
C GLU D 69 -3.49 24.92 14.28
N PHE D 70 -4.64 24.27 14.29
CA PHE D 70 -5.91 24.94 14.03
C PHE D 70 -6.66 25.19 15.34
N ASN D 71 -6.91 24.12 16.08
CA ASN D 71 -7.54 24.23 17.39
C ASN D 71 -6.53 23.88 18.48
N GLU D 72 -5.85 24.90 19.00
CA GLU D 72 -4.79 24.71 19.98
C GLU D 72 -5.27 23.89 21.17
N VAL D 73 -4.49 22.89 21.55
CA VAL D 73 -4.86 21.97 22.63
C VAL D 73 -4.80 22.65 23.99
N GLU D 74 -5.14 21.91 25.03
CA GLU D 74 -5.12 22.42 26.40
C GLU D 74 -3.71 22.89 26.74
N LYS D 75 -3.61 23.97 27.50
CA LYS D 75 -2.33 24.62 27.78
C LYS D 75 -1.31 23.70 28.47
N GLN D 76 -1.72 23.07 29.56
CA GLN D 76 -0.82 22.25 30.36
C GLN D 76 -0.25 21.10 29.53
N ILE D 77 -1.14 20.32 28.92
CA ILE D 77 -0.70 19.21 28.08
C ILE D 77 -0.01 19.75 26.83
N GLY D 78 -0.38 20.97 26.42
CA GLY D 78 0.21 21.60 25.26
C GLY D 78 1.64 22.02 25.50
N ASN D 79 1.89 22.62 26.67
CA ASN D 79 3.24 23.03 27.03
C ASN D 79 4.14 21.82 27.29
N VAL D 80 3.55 20.76 27.82
CA VAL D 80 4.28 19.50 28.04
C VAL D 80 4.76 18.95 26.69
N ILE D 81 3.88 19.00 25.69
CA ILE D 81 4.22 18.53 24.35
C ILE D 81 5.37 19.32 23.74
N ASN D 82 5.27 20.65 23.78
CA ASN D 82 6.32 21.53 23.26
C ASN D 82 7.64 21.33 24.00
N TRP D 83 7.55 21.24 25.32
CA TRP D 83 8.73 21.00 26.15
C TRP D 83 9.38 19.66 25.81
N THR D 84 8.54 18.67 25.51
CA THR D 84 9.04 17.35 25.12
C THR D 84 9.64 17.41 23.71
N ARG D 85 8.94 18.07 22.80
CA ARG D 85 9.41 18.17 21.42
C ARG D 85 10.70 18.99 21.29
N ASP D 86 10.72 20.15 21.90
CA ASP D 86 11.88 21.04 21.81
C ASP D 86 13.13 20.42 22.44
N SER D 87 12.93 19.58 23.46
CA SER D 87 14.04 18.87 24.08
C SER D 87 14.59 17.83 23.12
N ILE D 88 13.69 17.18 22.39
CA ILE D 88 14.06 16.17 21.41
C ILE D 88 14.74 16.82 20.20
N THR D 89 14.25 17.99 19.82
CA THR D 89 14.85 18.75 18.71
C THR D 89 16.29 19.13 19.07
N GLU D 90 16.50 19.47 20.34
CA GLU D 90 17.84 19.74 20.84
C GLU D 90 18.76 18.53 20.68
N VAL D 91 18.20 17.33 20.87
CA VAL D 91 18.98 16.10 20.77
C VAL D 91 19.41 15.78 19.34
N TRP D 92 18.46 15.82 18.40
CA TRP D 92 18.77 15.52 17.01
C TRP D 92 19.66 16.59 16.39
N SER D 93 19.51 17.83 16.82
CA SER D 93 20.37 18.92 16.37
C SER D 93 21.83 18.66 16.78
N TYR D 94 22.01 18.19 18.01
CA TYR D 94 23.33 17.82 18.50
C TYR D 94 23.88 16.59 17.79
N ASN D 95 23.08 15.53 17.75
CA ASN D 95 23.48 14.27 17.10
C ASN D 95 23.90 14.49 15.65
N ALA D 96 23.13 15.28 14.92
CA ALA D 96 23.43 15.61 13.53
C ALA D 96 24.76 16.33 13.44
N GLU D 97 24.94 17.35 14.27
CA GLU D 97 26.14 18.17 14.30
C GLU D 97 27.37 17.34 14.62
N LEU D 98 27.27 16.49 15.64
CA LEU D 98 28.39 15.66 16.06
C LEU D 98 28.70 14.58 15.03
N LEU D 99 27.66 13.98 14.47
CA LEU D 99 27.82 12.95 13.43
C LEU D 99 28.64 13.46 12.26
N VAL D 100 28.24 14.61 11.72
CA VAL D 100 28.90 15.20 10.56
C VAL D 100 30.34 15.56 10.86
N ALA D 101 30.55 16.25 11.99
CA ALA D 101 31.89 16.66 12.40
C ALA D 101 32.78 15.43 12.61
N MET D 102 32.19 14.36 13.13
CA MET D 102 32.91 13.12 13.36
C MET D 102 33.25 12.40 12.07
N GLU D 103 32.24 12.22 11.22
CA GLU D 103 32.44 11.52 9.94
C GLU D 103 33.43 12.27 9.05
N ASN D 104 33.35 13.59 9.03
CA ASN D 104 34.25 14.40 8.22
C ASN D 104 35.70 14.25 8.68
N GLN D 105 35.90 14.24 9.99
CA GLN D 105 37.23 14.05 10.56
C GLN D 105 37.77 12.68 10.15
N HIS D 106 36.89 11.68 10.15
CA HIS D 106 37.28 10.33 9.73
C HIS D 106 37.52 10.30 8.23
N THR D 107 36.67 11.01 7.49
CA THR D 107 36.81 11.13 6.03
C THR D 107 38.17 11.74 5.71
N ILE D 108 38.51 12.80 6.43
CA ILE D 108 39.80 13.47 6.27
C ILE D 108 40.97 12.55 6.62
N ASP D 109 40.87 11.86 7.76
CA ASP D 109 41.95 10.99 8.23
C ASP D 109 42.17 9.77 7.32
N LEU D 110 41.08 9.17 6.85
CA LEU D 110 41.18 7.98 6.00
C LEU D 110 41.74 8.35 4.62
N ALA D 111 41.51 9.58 4.21
CA ALA D 111 42.02 10.05 2.93
C ALA D 111 43.53 10.25 2.98
N ASP D 112 44.00 10.81 4.10
CA ASP D 112 45.43 10.96 4.33
C ASP D 112 46.11 9.60 4.50
N SER D 113 45.39 8.66 5.09
CA SER D 113 45.92 7.30 5.30
C SER D 113 46.23 6.63 3.97
N GLU D 114 45.30 6.74 3.02
CA GLU D 114 45.47 6.15 1.70
C GLU D 114 46.67 6.74 0.97
N MET D 115 46.91 8.03 1.17
CA MET D 115 48.05 8.70 0.57
C MET D 115 49.36 8.11 1.09
N ASP D 116 49.43 7.91 2.41
CA ASP D 116 50.61 7.32 3.03
C ASP D 116 50.84 5.88 2.57
N LYS D 117 49.76 5.10 2.48
CA LYS D 117 49.88 3.72 2.02
C LYS D 117 50.36 3.64 0.58
N LEU D 118 49.96 4.61 -0.23
CA LEU D 118 50.36 4.67 -1.63
C LEU D 118 51.83 5.01 -1.72
N TYR D 119 52.24 6.03 -0.95
CA TYR D 119 53.64 6.44 -0.89
C TYR D 119 54.53 5.34 -0.35
N GLU D 120 54.07 4.66 0.70
CA GLU D 120 54.82 3.58 1.32
C GLU D 120 54.91 2.38 0.40
N ARG D 121 53.90 2.22 -0.45
CA ARG D 121 53.88 1.12 -1.42
C ARG D 121 55.01 1.29 -2.42
N VAL D 122 55.08 2.47 -3.03
CA VAL D 122 56.10 2.78 -4.02
C VAL D 122 57.51 2.70 -3.41
N LYS D 123 57.64 3.18 -2.17
CA LYS D 123 58.90 3.12 -1.46
C LYS D 123 59.39 1.68 -1.33
N ARG D 124 58.45 0.76 -1.15
CA ARG D 124 58.76 -0.65 -1.04
C ARG D 124 59.08 -1.25 -2.41
N GLN D 125 58.57 -0.62 -3.45
CA GLN D 125 58.82 -1.06 -4.83
C GLN D 125 60.25 -0.73 -5.26
N LEU D 126 60.69 0.48 -4.93
CA LEU D 126 61.96 0.99 -5.42
C LEU D 126 63.14 0.44 -4.61
N ARG D 127 62.83 -0.14 -3.46
CA ARG D 127 63.83 -0.77 -2.61
C ARG D 127 64.99 0.18 -2.29
N GLU D 128 66.17 -0.16 -2.80
CA GLU D 128 67.38 0.62 -2.55
C GLU D 128 67.77 1.45 -3.77
N ASN D 129 66.86 1.58 -4.72
CA ASN D 129 67.17 2.26 -5.97
C ASN D 129 66.75 3.73 -6.01
N ALA D 130 66.27 4.25 -4.87
CA ALA D 130 65.83 5.64 -4.80
C ALA D 130 65.90 6.18 -3.38
N GLU D 131 65.74 7.49 -3.26
CA GLU D 131 65.73 8.16 -1.95
C GLU D 131 64.61 9.18 -1.89
N GLU D 132 64.08 9.39 -0.68
CA GLU D 132 63.01 10.36 -0.48
C GLU D 132 63.57 11.77 -0.49
N ASP D 133 62.93 12.66 -1.25
CA ASP D 133 63.41 14.02 -1.40
C ASP D 133 62.83 14.96 -0.35
N GLY D 134 61.85 14.47 0.40
CA GLY D 134 61.25 15.25 1.47
C GLY D 134 60.07 16.07 1.02
N THR D 135 59.72 15.95 -0.26
CA THR D 135 58.56 16.64 -0.80
C THR D 135 57.52 15.63 -1.27
N GLY D 136 57.71 14.38 -0.87
CA GLY D 136 56.80 13.31 -1.23
C GLY D 136 57.20 12.64 -2.54
N CYS D 137 58.37 12.99 -3.03
CA CYS D 137 58.86 12.45 -4.30
C CYS D 137 60.07 11.55 -4.12
N PHE D 138 60.40 10.78 -5.14
CA PHE D 138 61.56 9.90 -5.09
C PHE D 138 62.59 10.25 -6.17
N GLU D 139 63.81 10.52 -5.75
CA GLU D 139 64.91 10.71 -6.67
C GLU D 139 65.40 9.36 -7.15
N ILE D 140 65.23 9.09 -8.45
CA ILE D 140 65.60 7.80 -9.02
C ILE D 140 67.03 7.83 -9.55
N PHE D 141 67.87 6.96 -9.00
CA PHE D 141 69.30 6.99 -9.30
C PHE D 141 69.69 6.12 -10.49
N HIS D 142 68.79 6.03 -11.46
CA HIS D 142 69.09 5.36 -12.72
C HIS D 142 68.23 5.93 -13.84
N LYS D 143 68.50 5.53 -15.07
CA LYS D 143 67.70 5.98 -16.19
C LYS D 143 66.34 5.29 -16.19
N CYS D 144 65.29 6.09 -16.14
CA CYS D 144 63.92 5.57 -16.11
C CYS D 144 63.06 6.22 -17.17
N ASP D 145 62.95 5.57 -18.33
CA ASP D 145 62.14 6.09 -19.43
C ASP D 145 60.66 5.95 -19.13
N ASP D 146 59.83 6.29 -20.10
CA ASP D 146 58.37 6.23 -19.95
C ASP D 146 57.90 4.81 -19.61
N ASP D 147 58.55 3.81 -20.20
CA ASP D 147 58.23 2.42 -19.92
C ASP D 147 58.62 2.03 -18.51
N CYS D 148 59.76 2.55 -18.05
CA CYS D 148 60.22 2.28 -16.70
C CYS D 148 59.27 2.89 -15.68
N MET D 149 58.80 4.10 -15.96
CA MET D 149 57.84 4.78 -15.09
C MET D 149 56.53 4.01 -15.04
N ALA D 150 56.11 3.49 -16.19
CA ALA D 150 54.88 2.72 -16.29
C ALA D 150 55.00 1.40 -15.52
N SER D 151 56.21 0.85 -15.51
CA SER D 151 56.47 -0.40 -14.79
C SER D 151 56.24 -0.20 -13.30
N ILE D 152 56.50 1.02 -12.84
CA ILE D 152 56.30 1.38 -11.44
C ILE D 152 54.82 1.49 -11.13
N ARG D 153 54.07 2.08 -12.06
CA ARG D 153 52.65 2.37 -11.86
C ARG D 153 51.77 1.12 -11.77
N ASN D 154 52.16 0.06 -12.47
CA ASN D 154 51.38 -1.18 -12.45
C ASN D 154 52.05 -2.28 -11.63
N ASN D 155 52.97 -1.86 -10.76
CA ASN D 155 53.68 -2.77 -9.86
C ASN D 155 54.38 -3.89 -10.63
N THR D 156 54.91 -3.56 -11.80
CA THR D 156 55.65 -4.52 -12.61
C THR D 156 57.12 -4.12 -12.62
N TYR D 157 57.48 -3.24 -11.70
CA TYR D 157 58.85 -2.75 -11.56
C TYR D 157 59.71 -3.73 -10.75
N ASP D 158 60.78 -4.21 -11.37
CA ASP D 158 61.74 -5.07 -10.69
C ASP D 158 62.98 -4.28 -10.29
N HIS D 159 63.16 -4.07 -8.98
CA HIS D 159 64.28 -3.29 -8.49
C HIS D 159 65.61 -4.00 -8.78
N SER D 160 65.53 -5.33 -8.92
CA SER D 160 66.71 -6.16 -9.17
C SER D 160 67.39 -5.74 -10.47
N LYS D 161 66.58 -5.22 -11.39
CA LYS D 161 67.02 -4.86 -12.72
C LYS D 161 67.93 -3.61 -12.71
N TYR D 162 67.68 -2.70 -11.77
CA TYR D 162 68.42 -1.45 -11.73
C TYR D 162 69.29 -1.28 -10.49
N ARG D 163 69.37 -2.32 -9.66
CA ARG D 163 70.02 -2.21 -8.36
C ARG D 163 71.49 -1.83 -8.46
N GLU D 164 72.24 -2.55 -9.29
CA GLU D 164 73.65 -2.27 -9.53
C GLU D 164 73.85 -0.82 -9.98
N GLU D 165 73.16 -0.46 -11.06
CA GLU D 165 73.24 0.88 -11.64
C GLU D 165 72.88 1.99 -10.66
N ALA D 166 71.90 1.73 -9.80
CA ALA D 166 71.42 2.73 -8.84
C ALA D 166 72.37 2.90 -7.65
N MET D 167 72.77 1.78 -7.05
CA MET D 167 73.63 1.80 -5.88
C MET D 167 74.94 2.54 -6.15
N GLN D 168 75.48 2.37 -7.36
CA GLN D 168 76.66 3.09 -7.78
C GLN D 168 76.42 4.59 -7.77
N ASN D 169 75.34 5.01 -8.41
CA ASN D 169 75.00 6.42 -8.50
C ASN D 169 74.67 7.03 -7.15
N ARG D 170 74.22 6.19 -6.21
CA ARG D 170 73.92 6.65 -4.86
C ARG D 170 75.18 6.80 -4.01
N ILE D 171 76.04 5.79 -4.06
CA ILE D 171 77.21 5.71 -3.19
C ILE D 171 78.29 6.71 -3.63
N GLN D 172 78.36 6.97 -4.93
CA GLN D 172 79.31 7.97 -5.46
C GLN D 172 78.97 8.35 -6.90
C1 NAG E . -1.57 9.62 -18.11
C2 NAG E . -2.55 10.63 -18.66
C3 NAG E . -3.92 10.47 -17.99
C4 NAG E . -4.37 9.01 -18.04
C5 NAG E . -3.27 8.05 -17.62
C6 NAG E . -3.60 6.61 -17.90
C7 NAG E . -2.18 12.94 -19.42
C8 NAG E . -1.61 14.28 -19.07
N2 NAG E . -2.06 11.99 -18.49
O3 NAG E . -4.86 11.29 -18.65
O4 NAG E . -5.48 8.85 -17.16
O5 NAG E . -2.06 8.32 -18.34
O6 NAG E . -3.95 6.41 -19.26
O7 NAG E . -2.71 12.73 -20.51
C1 NAG E . -6.63 8.41 -17.90
C2 NAG E . -7.48 7.49 -17.04
C3 NAG E . -8.60 6.89 -17.86
C4 NAG E . -9.41 8.00 -18.52
C5 NAG E . -8.50 8.98 -19.26
C6 NAG E . -9.24 10.20 -19.76
C7 NAG E . -6.24 6.49 -15.17
C8 NAG E . -5.41 5.32 -14.70
N2 NAG E . -6.66 6.44 -16.43
O3 NAG E . -9.44 6.09 -17.03
O4 NAG E . -10.35 7.44 -19.43
O5 NAG E . -7.46 9.45 -18.41
O6 NAG E . -9.14 11.26 -18.82
O7 NAG E . -6.51 7.43 -14.42
C1 NGA F . -8.02 -41.86 34.21
C2 NGA F . -8.93 -41.04 33.29
C3 NGA F . -9.00 -39.58 33.73
C4 NGA F . -9.21 -39.45 35.24
C5 NGA F . -8.05 -40.18 35.90
C6 NGA F . -8.01 -39.97 37.40
C7 NGA F . -8.75 -40.47 30.88
C8 NGA F . -9.56 -41.20 29.86
N2 NGA F . -8.37 -41.16 31.95
O1 NGA F . -8.26 -43.23 33.98
O3 NGA F . -9.88 -38.77 32.94
O4 NGA F . -10.41 -40.02 35.68
O5 NGA F . -8.19 -41.56 35.59
O6 NGA F . -6.76 -40.39 37.90
O7 NGA F . -8.46 -39.28 30.69
C1 NAG F . -11.29 -39.08 32.94
C2 NAG F . -11.99 -37.74 32.62
C3 NAG F . -13.49 -37.92 32.51
C4 NAG F . -13.84 -39.05 31.54
C5 NAG F . -13.09 -40.32 31.95
C6 NAG F . -13.31 -41.48 31.01
C7 NAG F . -10.56 -35.99 33.59
C8 NAG F . -10.40 -35.00 34.70
N2 NAG F . -11.67 -36.74 33.63
O3 NAG F . -14.07 -36.70 32.07
O4 NAG F . -15.23 -39.31 31.52
O5 NAG F . -11.68 -40.07 31.98
O6 NAG F . -12.80 -41.19 29.71
O7 NAG F . -9.72 -36.11 32.70
C1 GAL F . -15.91 -38.56 30.48
C2 GAL F . -17.34 -39.17 30.25
C3 GAL F . -18.28 -38.28 29.40
C4 GAL F . -18.18 -36.81 29.85
C5 GAL F . -16.72 -36.38 29.92
C6 GAL F . -16.49 -34.93 30.38
O2 GAL F . -17.27 -40.45 29.61
O3 GAL F . -19.65 -38.68 29.59
O4 GAL F . -18.79 -36.62 31.12
O5 GAL F . -16.00 -37.19 30.85
O6 GAL F . -15.11 -34.61 30.39
C1 SIA F . -20.74 -37.27 27.92
C2 SIA F . -20.47 -38.67 28.41
C3 SIA F . -21.83 -39.23 28.80
C4 SIA F . -22.69 -39.47 27.59
C5 SIA F . -22.03 -40.56 26.78
C6 SIA F . -20.60 -40.18 26.37
C7 SIA F . -19.78 -41.42 26.04
C8 SIA F . -18.36 -41.03 25.62
C9 SIA F . -17.93 -41.88 24.43
C10 SIA F . -23.04 -42.07 25.16
C11 SIA F . -23.89 -42.20 23.94
N5 SIA F . -22.84 -40.83 25.60
O1A SIA F . -20.28 -36.94 26.79
O1B SIA F . -21.41 -36.49 28.63
O4 SIA F . -24.00 -39.87 28.00
O6 SIA F . -19.85 -39.35 27.30
O7 SIA F . -19.72 -42.27 27.19
O8 SIA F . -18.32 -39.65 25.25
O9 SIA F . -16.50 -41.77 24.26
O10 SIA F . -22.56 -43.04 25.72
C1 GAL G . -33.61 32.27 17.76
C2 GAL G . -34.62 31.11 17.54
C3 GAL G . -34.30 30.29 16.27
C4 GAL G . -34.17 31.26 15.08
C5 GAL G . -33.15 32.34 15.40
C6 GAL G . -32.97 33.38 14.29
O2 GAL G . -34.65 30.22 18.64
O3 GAL G . -35.38 29.35 15.99
O4 GAL G . -35.44 31.84 14.77
O5 GAL G . -33.52 33.08 16.58
O6 GAL G . -31.91 34.27 14.57
C1 SIA G . -34.20 28.19 14.12
C2 SIA G . -35.03 28.08 15.37
C3 SIA G . -36.32 27.45 14.89
C4 SIA G . -36.23 25.94 15.00
C5 SIA G . -36.14 25.58 16.46
C6 SIA G . -34.87 26.21 17.06
C7 SIA G . -35.07 26.78 18.47
C8 SIA G . -33.72 26.93 19.16
C9 SIA G . -33.58 25.95 20.31
C10 SIA G . -36.44 23.47 17.67
C11 SIA G . -36.39 21.98 17.58
N5 SIA G . -36.13 24.13 16.56
O1A SIA G . -33.08 27.65 14.09
O1B SIA G . -34.68 28.81 13.14
O4 SIA G . -37.39 25.34 14.39
O6 SIA G . -34.25 27.21 16.21
O7 SIA G . -35.74 28.04 18.44
O8 SIA G . -32.66 26.70 18.23
O9 SIA G . -32.50 26.34 21.16
O10 SIA G . -36.75 24.03 18.72
C1 NAG H . -33.64 -47.80 -11.07
C2 NAG H . -33.22 -48.25 -12.47
C3 NAG H . -33.91 -49.57 -12.82
C4 NAG H . -33.68 -50.60 -11.73
C5 NAG H . -34.10 -50.04 -10.37
C6 NAG H . -33.79 -50.98 -9.23
C7 NAG H . -34.69 -46.74 -13.75
C8 NAG H . -34.73 -45.69 -14.83
N2 NAG H . -33.48 -47.24 -13.47
O3 NAG H . -33.40 -50.05 -14.06
O4 NAG H . -34.45 -51.77 -12.00
O5 NAG H . -33.36 -48.83 -10.12
O6 NAG H . -33.58 -50.27 -8.01
O7 NAG H . -35.71 -47.11 -13.16
C1 NAG I . 2.22 -23.81 0.48
C2 NAG I . 2.80 -24.62 1.66
C3 NAG I . 2.46 -23.94 2.98
C4 NAG I . 2.88 -22.48 2.96
C5 NAG I . 2.25 -21.78 1.75
C6 NAG I . 2.68 -20.35 1.60
C7 NAG I . 2.96 -27.02 2.19
C8 NAG I . 2.30 -28.35 2.08
N2 NAG I . 2.30 -25.98 1.65
O3 NAG I . 3.12 -24.61 4.05
O4 NAG I . 2.46 -21.83 4.15
O5 NAG I . 2.66 -22.46 0.55
O6 NAG I . 4.03 -20.24 1.17
O7 NAG I . 4.05 -26.87 2.74
#